data_9D84
#
_entry.id   9D84
#
_cell.length_a   1.00
_cell.length_b   1.00
_cell.length_c   1.00
_cell.angle_alpha   90.00
_cell.angle_beta   90.00
_cell.angle_gamma   90.00
#
_symmetry.space_group_name_H-M   'P 1'
#
loop_
_entity.id
_entity.type
_entity.pdbx_description
1 polymer Gp48
2 polymer Gp49
#
loop_
_entity_poly.entity_id
_entity_poly.type
_entity_poly.pdbx_seq_one_letter_code
_entity_poly.pdbx_strand_id
1 'polypeptide(L)'
;MNQLFSQGGKGSAGILTNKQAVARHFGVKQSEVVYFSVGVDISGYKVIYDKTTQRAYSLPIGIPAGTTAISLSTAAVLVH
SQGSVDLGAVAVLRKEYVTIPGDFTSGATIQVKNEILTHSNGAQYRWAGAVPKVVPAGSTPASSGGISASAWIEVTGEEL
RDELATTGGASQIGTSDGKTVQQWIIANDSANYRARNIQKLAWVDKQVHSRGSIKVLFQGDSMTAGYDTTSTDRVPANNG
DWATHASMTYPQRFMAYLPEQSGCSVTGVYRAISGHTAIQSYNEPSWQSNPNCDVVILMLGLNDAGGVAGTTEDIYMEYM
EKLIRRFIDWGMGVVVQTCSTGGQGSGGVVANLWAKRMRMMADTYGCAHFNADEVQYYRHNGAVQSDGGHFNSMGYAIHG
QMLASMFMAGGLLPTYRPLTNEINTWCGRLDDSIGYCDATGNINLGRSDGAYTRTKVVGGMLANVASIATFSFYLDAEAA
HIFVHGSGAGPINVLVDAPSWWNNGAQDYYDFANNQSINFSNSPQAANNAIVDLSTTYSADRKFVGRILGRGWKTLTFFT
NLQGTGGDFYLNSLTVQPVPVGMSVQARNWARFDKGHRAVYSKKIPQAYNQATLPTATALVNFQVPMPQSMLPTTPSISG
DLGTNFYNCGHSVLKISNSSGDYLEVLLIKTTGGGYVFTGKILKTTYATGNQPTAITATAAHYSMKDLKVAGANGPNMPL
ETIRDIDMASYVTIGVGAGNGGLVLDINITWPSTPPTSYWNIELEAWDMFGNSEASI
;
A
2 'polypeptide(L)'
;MIRTTNTCCGNQAGMVEKFIGTAYDVVKTVYDNLGEIQFIYNFLNDYGVLITVDSVTELQELPTTAKYTRVYSSTPTGVR
IYTDYLYVEGDRTGVLPSDPTATGSWVVVGSSNSGAATGTGAYIPFVFNNGSAAGGETTIVVPDYTIGVPEIYVEGFRQQ
VGRGFTFNSVNLTVTLAQPLEQGDEVVLMLSGNPAVPDNPNIDSWTVINWIYNNGAAVGGEQVIVIPYTFQTVPAIFKNG
LRYQGGLSTQSYTVDQDNKRILLTEPLSTNDRLVVQLGGELVTLESPDRSLYEIARATNMKDSEVIKSDNTVETLNGKRI
LYDIVSQVYYWIPSSVPNNVYIQSVVNGQLTYLPGNIVVTLTPIVTLGLSGTTAQRPIGVLTGTQHFDTTLGKPIWFNGT
AWVDSTGAVV
;
B
#
# COMPACT_ATOMS: atom_id res chain seq x y z
N LEU A 4 63.07 -36.55 -42.95
CA LEU A 4 63.62 -35.52 -42.09
C LEU A 4 65.01 -35.95 -41.61
N PHE A 5 65.81 -34.97 -41.19
CA PHE A 5 67.05 -35.29 -40.51
C PHE A 5 66.77 -35.95 -39.17
N SER A 6 67.74 -36.73 -38.71
CA SER A 6 67.65 -37.40 -37.42
C SER A 6 68.06 -36.43 -36.30
N GLN A 7 67.12 -35.63 -35.81
CA GLN A 7 67.44 -34.53 -34.91
C GLN A 7 67.08 -34.80 -33.45
N GLY A 8 66.81 -36.05 -33.10
CA GLY A 8 66.56 -36.40 -31.71
C GLY A 8 65.38 -35.69 -31.08
N GLY A 9 64.34 -35.44 -31.85
CA GLY A 9 63.12 -34.88 -31.31
C GLY A 9 62.03 -35.92 -31.27
N LYS A 10 62.35 -37.12 -31.74
CA LYS A 10 61.39 -38.20 -31.86
C LYS A 10 61.57 -39.22 -30.74
N GLY A 11 60.43 -39.70 -30.23
CA GLY A 11 60.40 -40.83 -29.32
C GLY A 11 61.28 -40.72 -28.09
N SER A 12 62.08 -41.75 -27.85
CA SER A 12 62.88 -41.85 -26.64
C SER A 12 63.99 -40.81 -26.55
N ALA A 13 64.48 -40.31 -27.69
CA ALA A 13 65.56 -39.33 -27.68
C ALA A 13 65.06 -37.90 -27.56
N GLY A 14 63.75 -37.68 -27.54
CA GLY A 14 63.18 -36.37 -27.36
C GLY A 14 62.62 -36.10 -25.98
N ILE A 15 62.93 -36.94 -24.99
CA ILE A 15 62.35 -36.77 -23.67
C ILE A 15 62.84 -35.47 -23.02
N LEU A 16 64.15 -35.19 -23.11
CA LEU A 16 64.69 -34.04 -22.40
C LEU A 16 64.29 -32.73 -23.04
N THR A 17 64.31 -32.64 -24.38
CA THR A 17 63.89 -31.42 -25.04
C THR A 17 62.39 -31.17 -24.84
N ASN A 18 61.59 -32.24 -24.88
CA ASN A 18 60.17 -32.10 -24.60
C ASN A 18 59.94 -31.66 -23.16
N LYS A 19 60.74 -32.17 -22.22
CA LYS A 19 60.65 -31.71 -20.85
C LYS A 19 61.01 -30.25 -20.72
N GLN A 20 62.03 -29.80 -21.45
CA GLN A 20 62.36 -28.37 -21.48
C GLN A 20 61.18 -27.56 -21.99
N ALA A 21 60.56 -28.00 -23.08
CA ALA A 21 59.43 -27.27 -23.65
C ALA A 21 58.26 -27.21 -22.67
N VAL A 22 57.96 -28.33 -22.03
CA VAL A 22 56.85 -28.38 -21.07
C VAL A 22 57.15 -27.49 -19.87
N ALA A 23 58.38 -27.54 -19.37
CA ALA A 23 58.76 -26.73 -18.22
C ALA A 23 58.67 -25.24 -18.54
N ARG A 24 59.13 -24.85 -19.72
CA ARG A 24 59.03 -23.46 -20.14
C ARG A 24 57.58 -23.02 -20.34
N HIS A 25 56.73 -23.92 -20.85
CA HIS A 25 55.31 -23.60 -20.97
C HIS A 25 54.65 -23.43 -19.62
N PHE A 26 55.01 -24.26 -18.64
CA PHE A 26 54.41 -24.22 -17.31
C PHE A 26 55.19 -23.38 -16.32
N GLY A 27 56.35 -22.85 -16.69
CA GLY A 27 57.13 -22.05 -15.77
C GLY A 27 57.77 -22.83 -14.64
N VAL A 28 57.98 -24.13 -14.84
CA VAL A 28 58.58 -24.98 -13.81
C VAL A 28 59.96 -25.40 -14.27
N LYS A 29 60.69 -26.11 -13.41
CA LYS A 29 61.99 -26.63 -13.79
C LYS A 29 61.85 -27.86 -14.68
N GLN A 30 62.87 -28.09 -15.51
CA GLN A 30 62.87 -29.25 -16.38
C GLN A 30 62.87 -30.56 -15.60
N SER A 31 63.55 -30.60 -14.46
CA SER A 31 63.56 -31.78 -13.60
C SER A 31 62.23 -31.99 -12.90
N GLU A 32 61.30 -31.04 -12.98
CA GLU A 32 60.00 -31.14 -12.33
C GLU A 32 58.92 -31.64 -13.27
N VAL A 33 59.28 -32.07 -14.48
CA VAL A 33 58.35 -32.66 -15.43
C VAL A 33 58.63 -34.14 -15.52
N VAL A 34 57.58 -34.97 -15.44
CA VAL A 34 57.71 -36.41 -15.46
C VAL A 34 56.88 -36.97 -16.61
N TYR A 35 57.45 -37.93 -17.33
CA TYR A 35 56.68 -38.70 -18.31
C TYR A 35 55.88 -39.77 -17.59
N PHE A 36 54.67 -40.02 -18.08
CA PHE A 36 53.82 -41.02 -17.45
C PHE A 36 54.00 -42.36 -18.14
N SER A 37 54.24 -43.39 -17.35
CA SER A 37 54.06 -44.79 -17.74
C SER A 37 53.52 -45.56 -16.54
N VAL A 38 53.55 -46.88 -16.65
CA VAL A 38 52.99 -47.74 -15.61
C VAL A 38 54.04 -48.00 -14.53
N GLY A 39 54.14 -47.10 -13.54
CA GLY A 39 54.99 -47.36 -12.41
C GLY A 39 55.94 -46.24 -12.04
N VAL A 40 55.85 -45.10 -12.70
CA VAL A 40 56.74 -43.98 -12.43
C VAL A 40 56.38 -43.35 -11.10
N ASP A 41 57.40 -42.86 -10.40
CA ASP A 41 57.18 -42.12 -9.16
C ASP A 41 56.83 -40.67 -9.50
N ILE A 42 55.59 -40.28 -9.22
CA ILE A 42 55.12 -38.94 -9.53
C ILE A 42 55.30 -37.99 -8.34
N SER A 43 55.93 -38.47 -7.27
CA SER A 43 56.20 -37.62 -6.12
C SER A 43 57.30 -36.61 -6.44
N GLY A 44 57.17 -35.42 -5.84
CA GLY A 44 58.11 -34.34 -6.07
C GLY A 44 58.04 -33.70 -7.43
N TYR A 45 57.34 -34.29 -8.39
CA TYR A 45 57.16 -33.71 -9.70
C TYR A 45 55.96 -32.77 -9.70
N LYS A 46 56.04 -31.73 -10.52
CA LYS A 46 55.04 -30.67 -10.52
C LYS A 46 54.20 -30.65 -11.79
N VAL A 47 54.71 -31.18 -12.89
CA VAL A 47 53.96 -31.31 -14.14
C VAL A 47 54.16 -32.73 -14.65
N ILE A 48 53.08 -33.37 -15.08
CA ILE A 48 53.12 -34.70 -15.66
C ILE A 48 52.75 -34.59 -17.13
N TYR A 49 53.48 -35.28 -17.99
CA TYR A 49 53.25 -35.25 -19.42
C TYR A 49 52.76 -36.60 -19.89
N ASP A 50 51.65 -36.61 -20.63
CA ASP A 50 51.10 -37.83 -21.21
C ASP A 50 51.70 -38.01 -22.59
N LYS A 51 52.44 -39.10 -22.79
CA LYS A 51 53.06 -39.34 -24.08
C LYS A 51 52.04 -39.66 -25.17
N THR A 52 50.96 -40.37 -24.80
CA THR A 52 49.97 -40.77 -25.79
C THR A 52 49.20 -39.58 -26.36
N THR A 53 48.70 -38.70 -25.49
CA THR A 53 47.93 -37.57 -25.96
C THR A 53 48.81 -36.35 -26.23
N GLN A 54 50.09 -36.45 -25.85
CA GLN A 54 51.04 -35.35 -25.96
C GLN A 54 50.51 -34.11 -25.26
N ARG A 55 49.86 -34.31 -24.12
CA ARG A 55 49.35 -33.25 -23.28
C ARG A 55 50.03 -33.30 -21.92
N ALA A 56 50.36 -32.13 -21.38
CA ALA A 56 51.02 -32.02 -20.09
C ALA A 56 50.08 -31.37 -19.09
N TYR A 57 50.03 -31.94 -17.89
CA TYR A 57 49.12 -31.49 -16.85
C TYR A 57 49.90 -31.21 -15.57
N SER A 58 49.52 -30.16 -14.87
CA SER A 58 50.18 -29.83 -13.61
C SER A 58 49.75 -30.82 -12.53
N LEU A 59 50.72 -31.49 -11.93
CA LEU A 59 50.42 -32.41 -10.84
C LEU A 59 50.05 -31.63 -9.59
N PRO A 60 48.97 -32.02 -8.91
CA PRO A 60 48.64 -31.36 -7.64
C PRO A 60 49.73 -31.58 -6.61
N ILE A 61 49.99 -30.54 -5.83
CA ILE A 61 51.02 -30.59 -4.80
C ILE A 61 50.51 -31.44 -3.63
N GLY A 62 51.43 -31.89 -2.80
CA GLY A 62 51.08 -32.73 -1.67
C GLY A 62 51.03 -34.21 -1.97
N ILE A 63 51.43 -34.63 -3.17
CA ILE A 63 51.49 -36.05 -3.48
C ILE A 63 52.55 -36.71 -2.61
N PRO A 64 52.22 -37.76 -1.85
CA PRO A 64 53.19 -38.34 -0.92
C PRO A 64 54.37 -38.96 -1.64
N ALA A 65 55.51 -38.94 -0.94
CA ALA A 65 56.76 -39.45 -1.50
C ALA A 65 56.69 -40.96 -1.73
N GLY A 66 56.91 -41.38 -2.97
CA GLY A 66 56.88 -42.79 -3.31
C GLY A 66 55.61 -43.19 -4.04
N THR A 67 54.78 -42.21 -4.39
CA THR A 67 53.53 -42.51 -5.08
C THR A 67 53.80 -42.87 -6.53
N THR A 68 53.19 -43.96 -6.98
CA THR A 68 53.35 -44.45 -8.34
C THR A 68 52.03 -44.38 -9.09
N ALA A 69 52.12 -44.32 -10.41
CA ALA A 69 50.95 -44.18 -11.28
C ALA A 69 50.61 -45.50 -11.94
N ILE A 70 49.32 -45.80 -12.02
CA ILE A 70 48.82 -47.01 -12.67
C ILE A 70 48.30 -46.72 -14.08
N SER A 71 47.36 -45.77 -14.21
CA SER A 71 46.79 -45.47 -15.50
C SER A 71 46.43 -43.99 -15.57
N LEU A 72 46.42 -43.47 -16.79
CA LEU A 72 46.01 -42.09 -17.07
C LEU A 72 45.03 -42.11 -18.23
N SER A 73 43.76 -41.81 -17.94
CA SER A 73 42.72 -41.90 -18.94
C SER A 73 42.87 -40.79 -19.98
N THR A 74 42.16 -40.97 -21.10
CA THR A 74 42.17 -39.96 -22.14
C THR A 74 41.50 -38.66 -21.68
N ALA A 75 40.75 -38.71 -20.58
CA ALA A 75 40.21 -37.52 -19.93
C ALA A 75 41.15 -36.98 -18.87
N ALA A 76 42.43 -37.38 -18.92
CA ALA A 76 43.46 -36.92 -17.98
C ALA A 76 43.13 -37.31 -16.54
N VAL A 77 42.34 -38.37 -16.37
CA VAL A 77 42.07 -38.91 -15.04
C VAL A 77 43.24 -39.78 -14.63
N LEU A 78 43.99 -39.32 -13.63
CA LEU A 78 45.19 -40.00 -13.17
C LEU A 78 44.88 -40.77 -11.89
N VAL A 79 45.08 -42.09 -11.92
CA VAL A 79 44.95 -42.92 -10.74
C VAL A 79 46.36 -43.29 -10.29
N HIS A 80 46.71 -42.88 -9.07
CA HIS A 80 48.00 -43.19 -8.51
C HIS A 80 47.82 -44.18 -7.35
N SER A 81 48.93 -44.55 -6.71
CA SER A 81 48.88 -45.56 -5.67
C SER A 81 48.13 -45.05 -4.44
N GLN A 82 48.17 -43.74 -4.19
CA GLN A 82 47.51 -43.15 -3.04
C GLN A 82 46.12 -42.59 -3.36
N GLY A 83 45.65 -42.71 -4.60
CA GLY A 83 44.33 -42.24 -4.92
C GLY A 83 44.19 -41.97 -6.41
N SER A 84 43.17 -41.16 -6.73
CA SER A 84 42.88 -40.77 -8.09
C SER A 84 42.72 -39.25 -8.16
N VAL A 85 43.26 -38.65 -9.22
CA VAL A 85 43.20 -37.22 -9.45
C VAL A 85 42.72 -36.94 -10.85
N ASP A 86 41.71 -36.08 -10.98
CA ASP A 86 41.25 -35.61 -12.29
C ASP A 86 42.14 -34.43 -12.68
N LEU A 87 43.17 -34.70 -13.48
CA LEU A 87 44.12 -33.66 -13.86
C LEU A 87 43.46 -32.59 -14.71
N GLY A 88 42.39 -32.93 -15.43
CA GLY A 88 41.65 -31.91 -16.16
C GLY A 88 41.01 -30.91 -15.23
N ALA A 89 40.43 -31.38 -14.13
CA ALA A 89 39.85 -30.48 -13.14
C ALA A 89 40.93 -29.59 -12.52
N VAL A 90 42.10 -30.17 -12.24
CA VAL A 90 43.20 -29.39 -11.68
C VAL A 90 43.64 -28.30 -12.67
N ALA A 91 43.73 -28.66 -13.95
CA ALA A 91 44.11 -27.68 -14.96
C ALA A 91 43.06 -26.58 -15.09
N VAL A 92 41.78 -26.95 -15.01
CA VAL A 92 40.72 -25.95 -15.03
C VAL A 92 40.84 -25.01 -13.84
N LEU A 93 41.11 -25.57 -12.67
CA LEU A 93 41.30 -24.73 -11.48
C LEU A 93 42.48 -23.79 -11.64
N ARG A 94 43.58 -24.27 -12.23
CA ARG A 94 44.74 -23.44 -12.49
C ARG A 94 44.64 -22.66 -13.80
N LYS A 95 43.53 -22.80 -14.53
CA LYS A 95 43.31 -22.12 -15.80
C LYS A 95 44.40 -22.45 -16.82
N GLU A 96 44.91 -23.67 -16.76
CA GLU A 96 45.87 -24.17 -17.75
C GLU A 96 45.09 -24.84 -18.86
N TYR A 97 44.45 -24.00 -19.68
CA TYR A 97 43.53 -24.45 -20.72
C TYR A 97 44.30 -24.82 -21.98
N VAL A 98 43.73 -25.76 -22.73
CA VAL A 98 44.23 -26.11 -24.06
C VAL A 98 43.16 -25.73 -25.06
N THR A 99 43.45 -24.74 -25.89
CA THR A 99 42.50 -24.30 -26.92
C THR A 99 42.52 -25.31 -28.06
N ILE A 100 41.56 -26.23 -28.06
CA ILE A 100 41.51 -27.31 -29.03
C ILE A 100 41.34 -26.72 -30.43
N PRO A 101 41.96 -27.29 -31.45
CA PRO A 101 41.85 -26.74 -32.81
C PRO A 101 40.44 -26.92 -33.34
N GLY A 102 39.93 -25.88 -34.00
CA GLY A 102 38.58 -25.85 -34.52
C GLY A 102 37.74 -24.85 -33.76
N ASP A 103 36.45 -24.85 -34.05
CA ASP A 103 35.50 -23.97 -33.39
C ASP A 103 34.16 -24.69 -33.26
N PHE A 104 33.17 -23.97 -32.71
CA PHE A 104 31.83 -24.52 -32.60
C PHE A 104 31.18 -24.74 -33.96
N THR A 105 31.41 -23.84 -34.91
CA THR A 105 30.78 -23.97 -36.23
C THR A 105 31.31 -25.17 -37.02
N SER A 106 32.47 -25.70 -36.64
CA SER A 106 33.06 -26.84 -37.34
C SER A 106 32.89 -28.14 -36.55
N GLY A 107 32.76 -28.07 -35.24
CA GLY A 107 32.54 -29.26 -34.44
C GLY A 107 33.82 -29.88 -33.92
N ALA A 108 33.99 -29.88 -32.61
CA ALA A 108 35.14 -30.51 -31.98
C ALA A 108 34.67 -31.31 -30.77
N THR A 109 35.41 -32.36 -30.45
CA THR A 109 35.07 -33.22 -29.33
C THR A 109 36.03 -32.95 -28.17
N ILE A 110 35.47 -32.72 -26.99
CA ILE A 110 36.23 -32.34 -25.81
C ILE A 110 36.50 -33.58 -24.98
N GLN A 111 37.77 -33.97 -24.87
CA GLN A 111 38.16 -35.12 -24.07
C GLN A 111 38.46 -34.74 -22.62
N VAL A 112 39.08 -33.59 -22.40
CA VAL A 112 39.54 -33.19 -21.08
C VAL A 112 38.86 -31.89 -20.71
N LYS A 113 38.63 -31.72 -19.40
CA LYS A 113 37.94 -30.54 -18.89
C LYS A 113 38.65 -29.23 -19.21
N ASN A 114 39.98 -29.24 -19.31
CA ASN A 114 40.73 -28.03 -19.60
C ASN A 114 40.69 -27.64 -21.07
N GLU A 115 40.14 -28.49 -21.94
CA GLU A 115 40.03 -28.16 -23.35
C GLU A 115 38.94 -27.12 -23.55
N ILE A 116 39.27 -26.02 -24.22
CA ILE A 116 38.35 -24.92 -24.43
C ILE A 116 38.13 -24.75 -25.93
N LEU A 117 36.87 -24.56 -26.32
CA LEU A 117 36.48 -24.51 -27.72
C LEU A 117 36.18 -23.07 -28.12
N THR A 118 36.80 -22.64 -29.21
CA THR A 118 36.60 -21.30 -29.73
C THR A 118 35.22 -21.17 -30.38
N HIS A 119 34.64 -19.98 -30.31
CA HIS A 119 33.41 -19.66 -31.02
C HIS A 119 33.64 -18.44 -31.89
N SER A 120 32.71 -18.22 -32.81
CA SER A 120 32.82 -17.14 -33.79
C SER A 120 32.81 -15.75 -33.16
N ASN A 121 32.38 -15.63 -31.90
CA ASN A 121 32.41 -14.34 -31.21
C ASN A 121 33.80 -14.02 -30.65
N GLY A 122 34.77 -14.91 -30.83
CA GLY A 122 36.10 -14.71 -30.28
C GLY A 122 36.29 -15.25 -28.88
N ALA A 123 35.26 -15.86 -28.29
CA ALA A 123 35.35 -16.36 -26.93
C ALA A 123 35.66 -17.85 -26.92
N GLN A 124 36.33 -18.29 -25.86
CA GLN A 124 36.63 -19.70 -25.66
C GLN A 124 35.78 -20.22 -24.52
N TYR A 125 35.10 -21.34 -24.75
CA TYR A 125 34.19 -21.90 -23.77
C TYR A 125 34.68 -23.28 -23.34
N ARG A 126 34.73 -23.49 -22.03
CA ARG A 126 35.05 -24.79 -21.45
C ARG A 126 33.77 -25.48 -20.99
N TRP A 127 33.78 -26.80 -21.08
CA TRP A 127 32.62 -27.61 -20.71
C TRP A 127 32.77 -28.08 -19.28
N ALA A 128 31.74 -27.80 -18.46
CA ALA A 128 31.77 -28.11 -17.04
C ALA A 128 31.00 -29.38 -16.69
N GLY A 129 30.51 -30.09 -17.71
CA GLY A 129 29.71 -31.29 -17.44
C GLY A 129 30.56 -32.54 -17.40
N ALA A 130 30.94 -33.04 -18.57
CA ALA A 130 30.91 -34.46 -18.94
C ALA A 130 32.20 -34.82 -19.67
N VAL A 131 32.93 -35.79 -19.15
CA VAL A 131 34.24 -36.17 -19.74
C VAL A 131 34.27 -35.97 -21.26
N PRO A 132 33.52 -36.70 -22.11
CA PRO A 132 33.66 -36.58 -23.54
C PRO A 132 32.59 -35.75 -24.23
N LYS A 133 32.46 -34.50 -23.84
CA LYS A 133 31.48 -33.60 -24.51
C LYS A 133 31.75 -33.63 -26.01
N VAL A 134 30.74 -34.00 -26.81
CA VAL A 134 30.90 -33.98 -28.29
C VAL A 134 30.07 -32.82 -28.83
N VAL A 135 30.65 -32.06 -29.76
CA VAL A 135 29.99 -30.89 -30.33
C VAL A 135 29.82 -31.12 -31.82
N PRO A 136 28.61 -31.18 -32.34
CA PRO A 136 28.43 -31.35 -33.79
C PRO A 136 28.82 -30.09 -34.57
N ALA A 137 29.06 -30.25 -35.87
CA ALA A 137 29.44 -29.14 -36.72
C ALA A 137 28.28 -28.15 -36.81
N GLY A 138 28.60 -26.86 -36.86
CA GLY A 138 27.60 -25.82 -36.94
C GLY A 138 26.91 -25.48 -35.65
N SER A 139 27.42 -25.97 -34.52
CA SER A 139 26.78 -25.73 -33.23
C SER A 139 27.21 -24.39 -32.65
N THR A 140 26.53 -24.01 -31.57
CA THR A 140 26.83 -22.85 -30.75
C THR A 140 26.80 -23.25 -29.28
N PRO A 141 27.46 -22.48 -28.39
CA PRO A 141 27.40 -22.81 -26.97
C PRO A 141 25.99 -22.90 -26.43
N ALA A 142 25.08 -22.03 -26.89
CA ALA A 142 23.69 -22.14 -26.48
C ALA A 142 23.05 -23.41 -27.03
N SER A 143 23.36 -23.77 -28.27
CA SER A 143 22.76 -24.95 -28.88
C SER A 143 23.37 -26.23 -28.33
N SER A 144 24.63 -26.16 -27.88
CA SER A 144 25.35 -27.35 -27.42
C SER A 144 25.16 -27.62 -25.94
N GLY A 145 24.29 -26.89 -25.26
CA GLY A 145 24.08 -27.10 -23.84
C GLY A 145 23.85 -25.82 -23.06
N GLY A 146 24.02 -24.68 -23.73
CA GLY A 146 23.81 -23.41 -23.07
C GLY A 146 25.07 -22.85 -22.45
N ILE A 147 24.99 -21.63 -21.92
CA ILE A 147 26.12 -21.02 -21.22
C ILE A 147 25.75 -20.84 -19.76
N SER A 148 26.13 -21.80 -18.92
CA SER A 148 25.80 -21.77 -17.50
C SER A 148 26.93 -22.43 -16.71
N ALA A 149 26.74 -22.50 -15.39
CA ALA A 149 27.74 -23.09 -14.52
C ALA A 149 27.94 -24.57 -14.78
N SER A 150 26.87 -25.31 -15.06
CA SER A 150 26.97 -26.72 -15.44
C SER A 150 27.13 -26.90 -16.93
N ALA A 151 27.23 -25.81 -17.69
CA ALA A 151 27.33 -25.85 -19.15
C ALA A 151 28.57 -25.07 -19.58
N TRP A 152 28.67 -24.76 -20.87
CA TRP A 152 29.78 -24.00 -21.42
C TRP A 152 30.03 -22.73 -20.62
N ILE A 153 31.28 -22.51 -20.26
CA ILE A 153 31.70 -21.33 -19.49
C ILE A 153 32.80 -20.62 -20.26
N GLU A 154 32.59 -19.32 -20.49
CA GLU A 154 33.64 -18.50 -21.06
C GLU A 154 34.80 -18.38 -20.08
N VAL A 155 36.03 -18.52 -20.60
CA VAL A 155 37.17 -18.71 -19.71
C VAL A 155 37.88 -17.38 -19.39
N THR A 156 38.01 -16.49 -20.37
CA THR A 156 38.80 -15.28 -20.16
C THR A 156 38.18 -14.35 -19.13
N GLY A 157 36.85 -14.40 -18.98
CA GLY A 157 36.19 -13.55 -18.01
C GLY A 157 35.39 -14.33 -16.98
N GLU A 158 35.74 -15.60 -16.78
CA GLU A 158 34.98 -16.46 -15.88
C GLU A 158 34.96 -15.92 -14.46
N GLU A 159 36.14 -15.64 -13.90
CA GLU A 159 36.21 -15.26 -12.50
C GLU A 159 35.60 -13.89 -12.26
N LEU A 160 35.85 -12.92 -13.14
CA LEU A 160 35.23 -11.62 -12.97
C LEU A 160 33.72 -11.67 -13.19
N ARG A 161 33.26 -12.51 -14.11
CA ARG A 161 31.81 -12.68 -14.28
C ARG A 161 31.17 -13.28 -13.03
N ASP A 162 31.81 -14.29 -12.44
CA ASP A 162 31.28 -14.87 -11.21
C ASP A 162 31.32 -13.87 -10.06
N GLU A 163 32.39 -13.10 -9.94
CA GLU A 163 32.51 -12.11 -8.89
C GLU A 163 31.51 -10.97 -9.04
N LEU A 164 31.22 -10.55 -10.28
CA LEU A 164 30.19 -9.55 -10.52
C LEU A 164 28.80 -10.09 -10.23
N ALA A 165 28.58 -11.39 -10.40
CA ALA A 165 27.29 -12.00 -10.14
C ALA A 165 27.00 -12.15 -8.65
N THR A 166 27.98 -11.95 -7.79
CA THR A 166 27.78 -12.04 -6.35
C THR A 166 27.10 -10.79 -5.83
N THR A 167 26.88 -10.75 -4.52
CA THR A 167 26.21 -9.61 -3.90
C THR A 167 27.05 -8.34 -3.92
N GLY A 168 28.35 -8.44 -4.14
CA GLY A 168 29.21 -7.28 -4.18
C GLY A 168 29.49 -6.73 -5.57
N GLY A 169 28.89 -7.31 -6.60
CA GLY A 169 29.21 -6.89 -7.96
C GLY A 169 28.88 -5.44 -8.25
N ALA A 170 27.73 -4.96 -7.77
CA ALA A 170 27.36 -3.57 -8.01
C ALA A 170 28.29 -2.59 -7.32
N SER A 171 28.93 -3.01 -6.23
CA SER A 171 29.82 -2.14 -5.48
C SER A 171 31.18 -1.95 -6.15
N GLN A 172 31.54 -2.80 -7.11
CA GLN A 172 32.82 -2.66 -7.79
C GLN A 172 32.74 -1.78 -9.02
N ILE A 173 31.56 -1.29 -9.35
CA ILE A 173 31.33 -0.54 -10.58
C ILE A 173 31.03 0.90 -10.22
N GLY A 174 31.90 1.82 -10.65
CA GLY A 174 31.74 3.22 -10.34
C GLY A 174 30.93 3.95 -11.40
N THR A 175 30.22 4.98 -10.98
CA THR A 175 29.43 5.80 -11.88
C THR A 175 30.19 7.09 -12.21
N SER A 176 29.57 7.93 -13.04
CA SER A 176 30.22 9.14 -13.54
C SER A 176 30.52 10.15 -12.44
N ASP A 177 29.83 10.09 -11.31
CA ASP A 177 30.02 11.04 -10.22
C ASP A 177 30.99 10.54 -9.16
N GLY A 178 31.62 9.39 -9.37
CA GLY A 178 32.52 8.81 -8.39
C GLY A 178 31.87 7.90 -7.39
N LYS A 179 30.56 7.66 -7.49
CA LYS A 179 29.85 6.75 -6.60
C LYS A 179 29.66 5.41 -7.31
N THR A 180 29.66 4.34 -6.53
CA THR A 180 29.47 3.02 -7.09
C THR A 180 28.03 2.81 -7.53
N VAL A 181 27.82 1.82 -8.40
CA VAL A 181 26.48 1.50 -8.86
C VAL A 181 25.61 1.04 -7.70
N GLN A 182 26.19 0.32 -6.74
CA GLN A 182 25.44 -0.09 -5.56
C GLN A 182 24.97 1.12 -4.75
N GLN A 183 25.84 2.12 -4.59
CA GLN A 183 25.47 3.32 -3.86
C GLN A 183 24.34 4.06 -4.55
N TRP A 184 24.37 4.13 -5.88
CA TRP A 184 23.30 4.81 -6.60
C TRP A 184 22.00 4.02 -6.56
N ILE A 185 22.10 2.69 -6.57
CA ILE A 185 20.90 1.86 -6.42
C ILE A 185 20.27 2.09 -5.06
N ILE A 186 21.10 2.14 -4.01
CA ILE A 186 20.59 2.43 -2.67
C ILE A 186 20.05 3.85 -2.59
N ALA A 187 20.61 4.77 -3.37
CA ALA A 187 20.15 6.15 -3.34
C ALA A 187 18.80 6.34 -4.03
N ASN A 188 18.54 5.58 -5.09
CA ASN A 188 17.30 5.72 -5.85
C ASN A 188 16.24 4.70 -5.47
N ASP A 189 16.51 3.84 -4.49
CA ASP A 189 15.54 2.83 -4.10
C ASP A 189 14.31 3.42 -3.43
N SER A 190 14.37 4.69 -3.05
CA SER A 190 13.18 5.36 -2.53
C SER A 190 12.04 5.35 -3.54
N ALA A 191 12.35 5.37 -4.83
CA ALA A 191 11.30 5.25 -5.84
C ALA A 191 10.58 3.90 -5.74
N ASN A 192 11.34 2.82 -5.61
CA ASN A 192 10.74 1.50 -5.48
C ASN A 192 9.95 1.38 -4.19
N TYR A 193 10.50 1.90 -3.09
CA TYR A 193 9.78 1.90 -1.82
C TYR A 193 8.48 2.67 -1.91
N ARG A 194 8.52 3.85 -2.53
CA ARG A 194 7.32 4.66 -2.71
C ARG A 194 6.29 3.94 -3.57
N ALA A 195 6.73 3.33 -4.67
CA ALA A 195 5.80 2.63 -5.55
C ALA A 195 5.13 1.48 -4.82
N ARG A 196 5.91 0.66 -4.12
CA ARG A 196 5.32 -0.48 -3.40
C ARG A 196 4.40 -0.02 -2.30
N ASN A 197 4.80 1.01 -1.54
CA ASN A 197 3.97 1.52 -0.46
C ASN A 197 2.66 2.08 -0.99
N ILE A 198 2.73 2.84 -2.10
CA ILE A 198 1.52 3.42 -2.68
C ILE A 198 0.60 2.33 -3.20
N GLN A 199 1.16 1.31 -3.86
CA GLN A 199 0.32 0.22 -4.36
C GLN A 199 -0.36 -0.52 -3.22
N LYS A 200 0.39 -0.79 -2.13
CA LYS A 200 -0.22 -1.49 -1.01
C LYS A 200 -1.28 -0.64 -0.32
N LEU A 201 -1.03 0.67 -0.20
CA LEU A 201 -2.04 1.55 0.40
C LEU A 201 -3.29 1.64 -0.46
N ALA A 202 -3.12 1.65 -1.79
CA ALA A 202 -4.28 1.60 -2.68
C ALA A 202 -5.06 0.32 -2.50
N TRP A 203 -4.35 -0.81 -2.40
CA TRP A 203 -5.04 -2.08 -2.16
C TRP A 203 -5.79 -2.06 -0.84
N VAL A 204 -5.18 -1.51 0.21
CA VAL A 204 -5.82 -1.43 1.51
C VAL A 204 -7.05 -0.53 1.46
N ASP A 205 -6.96 0.59 0.76
CA ASP A 205 -8.11 1.47 0.60
C ASP A 205 -9.25 0.76 -0.12
N LYS A 206 -8.93 0.02 -1.18
CA LYS A 206 -9.98 -0.72 -1.89
C LYS A 206 -10.59 -1.79 -1.00
N GLN A 207 -9.77 -2.45 -0.17
CA GLN A 207 -10.31 -3.44 0.75
C GLN A 207 -11.25 -2.80 1.76
N VAL A 208 -10.88 -1.62 2.26
CA VAL A 208 -11.72 -0.92 3.22
C VAL A 208 -13.05 -0.54 2.58
N HIS A 209 -13.01 -0.06 1.33
CA HIS A 209 -14.23 0.40 0.68
C HIS A 209 -14.93 -0.69 -0.12
N SER A 210 -14.47 -1.94 -0.04
CA SER A 210 -15.08 -3.04 -0.75
C SER A 210 -15.41 -4.23 0.15
N ARG A 211 -15.51 -4.01 1.46
CA ARG A 211 -15.81 -5.04 2.45
C ARG A 211 -14.79 -6.18 2.44
N GLY A 212 -13.52 -5.88 2.15
CA GLY A 212 -12.49 -6.89 2.07
C GLY A 212 -11.96 -7.28 3.44
N SER A 213 -10.66 -7.60 3.46
CA SER A 213 -9.95 -7.95 4.67
C SER A 213 -8.56 -7.36 4.62
N ILE A 214 -8.10 -6.81 5.75
CA ILE A 214 -6.77 -6.25 5.87
C ILE A 214 -6.14 -6.76 7.14
N LYS A 215 -4.85 -7.08 7.08
CA LYS A 215 -4.05 -7.41 8.25
C LYS A 215 -3.24 -6.17 8.61
N VAL A 216 -3.41 -5.70 9.84
CA VAL A 216 -2.87 -4.41 10.26
C VAL A 216 -1.77 -4.65 11.29
N LEU A 217 -0.63 -4.00 11.09
CA LEU A 217 0.45 -4.00 12.07
C LEU A 217 0.38 -2.72 12.88
N PHE A 218 0.23 -2.85 14.19
CA PHE A 218 0.18 -1.70 15.10
C PHE A 218 1.53 -1.59 15.79
N GLN A 219 2.40 -0.73 15.24
CA GLN A 219 3.73 -0.53 15.74
C GLN A 219 3.85 0.84 16.38
N GLY A 220 4.38 0.90 17.58
CA GLY A 220 4.55 2.17 18.27
C GLY A 220 4.94 1.98 19.71
N ASP A 221 4.87 3.09 20.44
CA ASP A 221 5.21 3.16 21.85
C ASP A 221 4.00 2.90 22.74
N SER A 222 4.12 3.27 24.02
CA SER A 222 3.04 3.12 25.00
C SER A 222 1.69 3.59 24.49
N MET A 223 1.65 4.64 23.68
CA MET A 223 0.37 5.13 23.16
C MET A 223 -0.27 4.13 22.20
N THR A 224 0.53 3.46 21.38
CA THR A 224 0.00 2.41 20.53
C THR A 224 -0.39 1.18 21.32
N ALA A 225 0.39 0.81 22.32
CA ALA A 225 0.09 -0.34 23.16
C ALA A 225 -1.15 -0.12 24.02
N GLY A 226 -1.56 1.12 24.24
CA GLY A 226 -2.66 1.40 25.13
C GLY A 226 -2.27 1.52 26.58
N TYR A 227 -1.15 2.17 26.89
CA TYR A 227 -0.64 2.26 28.24
C TYR A 227 -1.66 2.93 29.14
N ASP A 228 -1.89 2.34 30.32
CA ASP A 228 -2.74 2.92 31.35
C ASP A 228 -2.32 2.30 32.68
N THR A 229 -1.66 3.09 33.51
CA THR A 229 -1.25 2.67 34.84
C THR A 229 -1.79 3.59 35.92
N THR A 230 -2.77 4.43 35.59
CA THR A 230 -3.31 5.42 36.51
C THR A 230 -4.74 5.14 36.93
N SER A 231 -5.61 4.81 36.00
CA SER A 231 -7.01 4.52 36.30
C SER A 231 -7.18 3.08 36.72
N THR A 232 -8.37 2.77 37.23
CA THR A 232 -8.72 1.38 37.51
C THR A 232 -9.35 0.68 36.31
N ASP A 233 -9.58 1.41 35.23
CA ASP A 233 -10.08 0.84 33.98
C ASP A 233 -8.95 0.19 33.18
N ARG A 234 -8.26 -0.77 33.80
CA ARG A 234 -7.09 -1.38 33.21
C ARG A 234 -7.30 -2.87 32.97
N VAL A 235 -6.47 -3.43 32.09
CA VAL A 235 -6.36 -4.86 31.90
C VAL A 235 -4.89 -5.22 32.05
N PRO A 236 -4.55 -6.43 32.50
CA PRO A 236 -3.14 -6.77 32.68
C PRO A 236 -2.37 -6.71 31.37
N ALA A 237 -1.06 -6.49 31.51
CA ALA A 237 -0.16 -6.34 30.38
C ALA A 237 -0.28 -7.50 29.40
N ASN A 238 -0.59 -7.20 28.15
CA ASN A 238 -0.78 -8.21 27.11
C ASN A 238 -0.14 -7.69 25.81
N ASN A 239 -0.24 -8.42 24.70
CA ASN A 239 0.23 -7.96 23.40
C ASN A 239 1.71 -7.62 23.40
N GLY A 240 2.50 -8.35 24.18
CA GLY A 240 3.93 -8.19 24.19
C GLY A 240 4.46 -7.00 24.96
N ASP A 241 3.60 -6.28 25.68
CA ASP A 241 4.02 -5.12 26.45
C ASP A 241 4.07 -5.47 27.94
N TRP A 242 4.92 -4.74 28.66
CA TRP A 242 5.11 -4.94 30.08
C TRP A 242 4.15 -4.13 30.94
N ALA A 243 3.59 -3.05 30.40
CA ALA A 243 2.80 -2.11 31.18
C ALA A 243 1.32 -2.49 31.14
N THR A 244 0.61 -2.12 32.21
CA THR A 244 -0.82 -2.33 32.28
C THR A 244 -1.52 -1.49 31.21
N HIS A 245 -2.49 -2.09 30.54
CA HIS A 245 -3.20 -1.42 29.46
C HIS A 245 -4.61 -1.03 29.88
N ALA A 246 -5.14 -0.02 29.21
CA ALA A 246 -6.54 0.34 29.39
C ALA A 246 -7.44 -0.76 28.84
N SER A 247 -8.67 -0.79 29.33
CA SER A 247 -9.63 -1.81 28.91
C SER A 247 -9.90 -1.78 27.42
N MET A 248 -9.67 -0.66 26.75
CA MET A 248 -9.71 -0.59 25.30
C MET A 248 -8.56 0.27 24.81
N THR A 249 -7.68 -0.32 24.02
CA THR A 249 -6.58 0.39 23.38
C THR A 249 -7.01 0.85 21.99
N TYR A 250 -6.22 1.74 21.40
CA TYR A 250 -6.55 2.24 20.08
C TYR A 250 -6.54 1.13 19.03
N PRO A 251 -5.55 0.23 18.98
CA PRO A 251 -5.63 -0.85 18.00
C PRO A 251 -6.81 -1.77 18.21
N GLN A 252 -7.16 -2.06 19.47
CA GLN A 252 -8.30 -2.92 19.75
C GLN A 252 -9.60 -2.27 19.27
N ARG A 253 -9.77 -0.97 19.54
CA ARG A 253 -10.94 -0.27 19.06
C ARG A 253 -10.94 -0.17 17.53
N PHE A 254 -9.77 0.01 16.93
CA PHE A 254 -9.68 0.01 15.47
C PHE A 254 -10.16 -1.31 14.89
N MET A 255 -9.70 -2.42 15.47
CA MET A 255 -10.07 -3.73 14.96
C MET A 255 -11.53 -4.06 15.23
N ALA A 256 -12.13 -3.47 16.26
CA ALA A 256 -13.55 -3.69 16.51
C ALA A 256 -14.43 -2.69 15.76
N TYR A 257 -13.84 -1.60 15.26
CA TYR A 257 -14.62 -0.51 14.70
C TYR A 257 -14.61 -0.51 13.19
N LEU A 258 -13.43 -0.67 12.58
CA LEU A 258 -13.37 -0.66 11.11
C LEU A 258 -14.23 -1.75 10.47
N PRO A 259 -14.22 -3.01 10.91
CA PRO A 259 -15.19 -3.98 10.35
C PRO A 259 -16.63 -3.60 10.61
N GLU A 260 -16.94 -2.96 11.74
CA GLU A 260 -18.32 -2.61 12.04
C GLU A 260 -18.83 -1.51 11.13
N GLN A 261 -17.98 -0.54 10.81
CA GLN A 261 -18.42 0.64 10.06
C GLN A 261 -18.13 0.55 8.57
N SER A 262 -17.26 -0.36 8.14
CA SER A 262 -16.93 -0.49 6.73
C SER A 262 -17.15 -1.89 6.17
N GLY A 263 -17.30 -2.90 7.03
CA GLY A 263 -17.42 -4.27 6.57
C GLY A 263 -16.11 -4.94 6.24
N CYS A 264 -15.00 -4.22 6.36
CA CYS A 264 -13.69 -4.79 6.08
C CYS A 264 -13.14 -5.47 7.33
N SER A 265 -13.00 -6.79 7.28
CA SER A 265 -12.48 -7.54 8.40
C SER A 265 -11.05 -7.10 8.69
N VAL A 266 -10.73 -6.89 9.97
CA VAL A 266 -9.43 -6.41 10.40
C VAL A 266 -8.84 -7.38 11.40
N THR A 267 -7.63 -7.87 11.12
CA THR A 267 -6.85 -8.65 12.05
C THR A 267 -5.55 -7.92 12.31
N GLY A 268 -5.16 -7.81 13.58
CA GLY A 268 -4.01 -7.00 13.92
C GLY A 268 -2.88 -7.74 14.61
N VAL A 269 -1.66 -7.26 14.39
CA VAL A 269 -0.48 -7.76 15.07
C VAL A 269 0.09 -6.63 15.91
N TYR A 270 0.28 -6.89 17.19
CA TYR A 270 0.75 -5.88 18.13
C TYR A 270 2.28 -5.89 18.19
N ARG A 271 2.88 -4.77 17.83
CA ARG A 271 4.30 -4.53 17.99
C ARG A 271 4.53 -3.23 18.74
N ALA A 272 3.83 -3.06 19.85
CA ALA A 272 3.91 -1.84 20.66
C ALA A 272 4.29 -2.19 22.08
N ILE A 273 5.38 -1.59 22.57
CA ILE A 273 5.84 -1.77 23.94
C ILE A 273 5.99 -0.39 24.57
N SER A 274 5.50 -0.26 25.80
CA SER A 274 5.57 1.02 26.50
C SER A 274 7.02 1.44 26.72
N GLY A 275 7.31 2.71 26.48
CA GLY A 275 8.63 3.24 26.64
C GLY A 275 9.58 3.00 25.49
N HIS A 276 9.11 2.41 24.39
CA HIS A 276 9.98 2.04 23.30
C HIS A 276 10.17 3.21 22.33
N THR A 277 11.36 3.29 21.75
CA THR A 277 11.71 4.32 20.78
C THR A 277 11.87 3.69 19.39
N ALA A 278 12.18 4.54 18.41
CA ALA A 278 12.41 4.05 17.06
C ALA A 278 13.64 3.15 17.00
N ILE A 279 14.72 3.53 17.69
CA ILE A 279 15.92 2.69 17.74
C ILE A 279 15.62 1.35 18.40
N GLN A 280 14.88 1.37 19.51
CA GLN A 280 14.52 0.13 20.18
C GLN A 280 13.57 -0.71 19.32
N SER A 281 12.62 -0.06 18.65
CA SER A 281 11.66 -0.79 17.83
C SER A 281 12.34 -1.46 16.64
N TYR A 282 13.30 -0.77 16.03
CA TYR A 282 13.98 -1.33 14.86
C TYR A 282 14.86 -2.52 15.25
N ASN A 283 15.49 -2.47 16.42
CA ASN A 283 16.39 -3.52 16.86
C ASN A 283 15.76 -4.44 17.90
N GLU A 284 14.45 -4.50 17.98
CA GLU A 284 13.81 -5.42 18.90
C GLU A 284 14.01 -6.85 18.41
N PRO A 285 14.51 -7.75 19.26
CA PRO A 285 14.82 -9.11 18.78
C PRO A 285 13.62 -9.86 18.25
N SER A 286 12.43 -9.67 18.84
CA SER A 286 11.25 -10.38 18.41
C SER A 286 10.52 -9.71 17.26
N TRP A 287 10.95 -8.51 16.84
CA TRP A 287 10.29 -7.76 15.78
C TRP A 287 11.07 -7.79 14.48
N GLN A 288 12.12 -8.61 14.39
CA GLN A 288 12.91 -8.71 13.17
C GLN A 288 12.24 -9.58 12.11
N SER A 289 11.20 -10.31 12.47
CA SER A 289 10.50 -11.17 11.51
C SER A 289 9.33 -10.40 10.88
N ASN A 290 8.96 -10.83 9.69
CA ASN A 290 7.84 -10.24 8.97
C ASN A 290 6.52 -10.68 9.62
N PRO A 291 5.70 -9.75 10.11
CA PRO A 291 4.41 -10.13 10.70
C PRO A 291 3.33 -10.49 9.68
N ASN A 292 3.63 -10.42 8.38
CA ASN A 292 2.71 -10.82 7.32
C ASN A 292 1.39 -10.06 7.40
N CYS A 293 1.50 -8.73 7.46
CA CYS A 293 0.36 -7.84 7.49
C CYS A 293 0.25 -7.11 6.16
N ASP A 294 -0.77 -6.25 6.07
CA ASP A 294 -0.99 -5.45 4.87
C ASP A 294 -0.68 -3.97 5.06
N VAL A 295 -0.98 -3.44 6.24
CA VAL A 295 -0.73 -2.03 6.54
C VAL A 295 -0.15 -1.93 7.95
N VAL A 296 0.87 -1.09 8.10
CA VAL A 296 1.47 -0.79 9.40
C VAL A 296 1.07 0.63 9.78
N ILE A 297 0.59 0.79 11.01
CA ILE A 297 0.22 2.10 11.54
C ILE A 297 1.26 2.44 12.60
N LEU A 298 2.19 3.32 12.24
CA LEU A 298 3.39 3.56 13.02
C LEU A 298 3.29 4.89 13.76
N MET A 299 3.43 4.87 15.08
CA MET A 299 3.39 6.06 15.92
C MET A 299 4.50 5.95 16.96
N LEU A 300 5.64 6.59 16.69
CA LEU A 300 6.75 6.63 17.64
C LEU A 300 7.30 8.04 17.72
N GLY A 301 7.86 8.39 18.86
CA GLY A 301 8.50 9.68 19.01
C GLY A 301 8.33 10.33 20.37
N LEU A 302 7.31 9.93 21.13
CA LEU A 302 7.12 10.49 22.46
C LEU A 302 8.27 10.09 23.39
N ASN A 303 8.68 8.83 23.35
CA ASN A 303 9.80 8.38 24.16
C ASN A 303 11.13 8.81 23.54
N ASP A 304 11.19 8.91 22.21
CA ASP A 304 12.42 9.34 21.55
C ASP A 304 12.77 10.78 21.91
N ALA A 305 11.78 11.66 22.00
CA ALA A 305 12.03 13.04 22.41
C ALA A 305 12.53 13.15 23.83
N GLY A 306 12.25 12.16 24.67
CA GLY A 306 12.75 12.15 26.03
C GLY A 306 14.16 11.66 26.19
N GLY A 307 14.83 11.30 25.11
CA GLY A 307 16.18 10.80 25.19
C GLY A 307 16.31 9.34 25.57
N VAL A 308 15.23 8.58 25.51
CA VAL A 308 15.24 7.17 25.85
C VAL A 308 16.13 6.43 24.86
N ALA A 309 16.99 5.55 25.39
CA ALA A 309 17.97 4.80 24.63
C ALA A 309 18.95 5.69 23.89
N GLY A 310 19.27 6.86 24.44
CA GLY A 310 20.18 7.78 23.78
C GLY A 310 19.67 8.30 22.45
N THR A 311 18.36 8.40 22.27
CA THR A 311 17.79 8.80 20.99
C THR A 311 17.90 10.32 20.83
N THR A 312 18.45 10.75 19.72
CA THR A 312 18.47 12.15 19.35
C THR A 312 17.50 12.35 18.19
N GLU A 313 17.36 13.60 17.74
CA GLU A 313 16.48 13.89 16.62
C GLU A 313 16.97 13.19 15.35
N ASP A 314 18.29 13.23 15.10
CA ASP A 314 18.84 12.54 13.94
C ASP A 314 18.67 11.03 14.06
N ILE A 315 18.91 10.46 15.24
CA ILE A 315 18.72 9.03 15.43
C ILE A 315 17.26 8.65 15.23
N TYR A 316 16.34 9.44 15.79
CA TYR A 316 14.91 9.19 15.59
C TYR A 316 14.56 9.23 14.11
N MET A 317 15.03 10.25 13.40
CA MET A 317 14.71 10.37 11.98
C MET A 317 15.24 9.18 11.20
N GLU A 318 16.51 8.83 11.43
CA GLU A 318 17.13 7.73 10.71
C GLU A 318 16.40 6.42 10.97
N TYR A 319 16.06 6.14 12.23
CA TYR A 319 15.51 4.83 12.53
C TYR A 319 14.02 4.75 12.21
N MET A 320 13.30 5.88 12.23
CA MET A 320 11.94 5.85 11.70
C MET A 320 11.94 5.64 10.20
N GLU A 321 12.89 6.26 9.49
CA GLU A 321 13.01 5.97 8.07
C GLU A 321 13.35 4.51 7.82
N LYS A 322 14.26 3.95 8.61
CA LYS A 322 14.61 2.54 8.47
C LYS A 322 13.41 1.64 8.75
N LEU A 323 12.62 1.98 9.78
CA LEU A 323 11.42 1.21 10.06
C LEU A 323 10.43 1.28 8.91
N ILE A 324 10.27 2.46 8.30
CA ILE A 324 9.36 2.60 7.16
C ILE A 324 9.83 1.74 6.00
N ARG A 325 11.14 1.78 5.72
CA ARG A 325 11.68 0.97 4.62
C ARG A 325 11.50 -0.52 4.90
N ARG A 326 11.73 -0.94 6.14
CA ARG A 326 11.56 -2.34 6.51
C ARG A 326 10.10 -2.76 6.37
N PHE A 327 9.17 -1.91 6.80
CA PHE A 327 7.75 -2.21 6.66
C PHE A 327 7.34 -2.32 5.20
N ILE A 328 7.84 -1.43 4.35
CA ILE A 328 7.53 -1.52 2.93
C ILE A 328 8.13 -2.80 2.34
N ASP A 329 9.35 -3.14 2.72
CA ASP A 329 9.98 -4.38 2.26
C ASP A 329 9.23 -5.62 2.71
N TRP A 330 8.46 -5.52 3.78
CA TRP A 330 7.63 -6.63 4.24
C TRP A 330 6.28 -6.67 3.52
N GLY A 331 6.08 -5.86 2.49
CA GLY A 331 4.83 -5.85 1.77
C GLY A 331 3.71 -5.10 2.45
N MET A 332 4.04 -4.22 3.39
CA MET A 332 3.03 -3.51 4.17
C MET A 332 2.98 -2.04 3.78
N GLY A 333 1.76 -1.53 3.60
CA GLY A 333 1.57 -0.10 3.44
C GLY A 333 1.80 0.61 4.76
N VAL A 334 2.43 1.78 4.70
CA VAL A 334 2.87 2.50 5.89
C VAL A 334 1.94 3.68 6.12
N VAL A 335 1.31 3.72 7.29
CA VAL A 335 0.54 4.86 7.74
C VAL A 335 1.24 5.42 8.96
N VAL A 336 1.86 6.59 8.81
CA VAL A 336 2.63 7.21 9.88
C VAL A 336 1.70 8.12 10.68
N GLN A 337 1.81 8.05 12.00
CA GLN A 337 1.04 8.91 12.88
C GLN A 337 1.95 9.92 13.57
N THR A 338 1.43 11.12 13.78
CA THR A 338 2.08 12.06 14.68
C THR A 338 1.93 11.55 16.11
N CYS A 339 2.77 12.08 17.01
CA CYS A 339 2.77 11.62 18.38
C CYS A 339 1.48 12.02 19.07
N SER A 340 0.59 11.05 19.28
CA SER A 340 -0.66 11.29 20.00
C SER A 340 -0.34 11.34 21.49
N THR A 341 -0.53 12.50 22.10
CA THR A 341 -0.25 12.71 23.51
C THR A 341 -1.38 13.50 24.14
N GLY A 342 -1.30 13.68 25.45
CA GLY A 342 -2.31 14.41 26.17
C GLY A 342 -2.03 15.89 26.28
N GLY A 343 -2.99 16.65 26.80
CA GLY A 343 -2.81 18.07 27.00
C GLY A 343 -3.17 18.94 25.83
N GLN A 344 -3.56 18.37 24.70
CA GLN A 344 -4.00 19.12 23.53
C GLN A 344 -2.96 20.13 23.08
N GLY A 345 -1.73 19.67 22.85
CA GLY A 345 -0.66 20.54 22.40
C GLY A 345 0.24 21.05 23.50
N SER A 346 -0.15 20.90 24.76
CA SER A 346 0.67 21.33 25.89
C SER A 346 1.85 20.40 26.15
N GLY A 347 1.77 19.15 25.71
CA GLY A 347 2.85 18.21 25.94
C GLY A 347 3.30 17.54 24.66
N GLY A 348 4.49 16.94 24.70
CA GLY A 348 5.05 16.28 23.53
C GLY A 348 5.33 17.25 22.40
N VAL A 349 5.79 18.46 22.73
CA VAL A 349 6.09 19.45 21.71
C VAL A 349 7.27 19.01 20.86
N VAL A 350 8.36 18.60 21.51
CA VAL A 350 9.52 18.10 20.77
C VAL A 350 9.18 16.80 20.05
N ALA A 351 8.43 15.92 20.72
CA ALA A 351 8.00 14.68 20.10
C ALA A 351 7.18 14.94 18.86
N ASN A 352 6.26 15.90 18.91
CA ASN A 352 5.44 16.18 17.73
C ASN A 352 6.20 16.94 16.66
N LEU A 353 7.19 17.75 17.02
CA LEU A 353 8.07 18.33 16.00
C LEU A 353 8.81 17.24 15.25
N TRP A 354 9.37 16.28 15.98
CA TRP A 354 10.04 15.16 15.33
C TRP A 354 9.05 14.33 14.52
N ALA A 355 7.81 14.19 15.00
CA ALA A 355 6.80 13.45 14.27
C ALA A 355 6.42 14.14 12.97
N LYS A 356 6.33 15.48 12.99
CA LYS A 356 6.05 16.21 11.76
C LYS A 356 7.19 16.06 10.76
N ARG A 357 8.44 16.15 11.24
CA ARG A 357 9.57 15.92 10.35
C ARG A 357 9.53 14.52 9.78
N MET A 358 9.20 13.53 10.61
CA MET A 358 9.11 12.15 10.15
C MET A 358 7.99 11.97 9.13
N ARG A 359 6.86 12.65 9.35
CA ARG A 359 5.76 12.59 8.39
C ARG A 359 6.17 13.15 7.03
N MET A 360 6.85 14.30 7.04
CA MET A 360 7.30 14.84 5.77
C MET A 360 8.31 13.92 5.10
N MET A 361 9.21 13.31 5.89
CA MET A 361 10.13 12.35 5.32
C MET A 361 9.39 11.17 4.71
N ALA A 362 8.38 10.65 5.42
CA ALA A 362 7.60 9.52 4.93
C ALA A 362 6.82 9.87 3.68
N ASP A 363 6.56 11.16 3.44
CA ASP A 363 5.99 11.57 2.17
C ASP A 363 6.86 11.12 0.99
N THR A 364 8.18 11.03 1.21
CA THR A 364 9.06 10.51 0.16
C THR A 364 8.66 9.10 -0.25
N TYR A 365 8.28 8.27 0.72
CA TYR A 365 7.88 6.90 0.46
C TYR A 365 6.39 6.76 0.16
N GLY A 366 5.68 7.87 -0.05
CA GLY A 366 4.26 7.81 -0.35
C GLY A 366 3.41 7.34 0.80
N CYS A 367 3.89 7.48 2.03
CA CYS A 367 3.19 6.97 3.20
C CYS A 367 1.96 7.83 3.50
N ALA A 368 0.84 7.15 3.73
CA ALA A 368 -0.33 7.83 4.27
C ALA A 368 -0.04 8.29 5.69
N HIS A 369 -0.72 9.35 6.11
CA HIS A 369 -0.47 9.93 7.42
C HIS A 369 -1.77 10.13 8.17
N PHE A 370 -1.68 10.05 9.50
CA PHE A 370 -2.80 10.33 10.38
C PHE A 370 -2.32 11.30 11.45
N ASN A 371 -2.92 12.48 11.50
CA ASN A 371 -2.57 13.48 12.50
C ASN A 371 -3.14 13.00 13.84
N ALA A 372 -2.37 12.17 14.53
CA ALA A 372 -2.84 11.55 15.76
C ALA A 372 -2.86 12.53 16.93
N ASP A 373 -2.14 13.64 16.83
CA ASP A 373 -2.08 14.58 17.94
C ASP A 373 -3.37 15.35 18.13
N GLU A 374 -4.21 15.44 17.09
CA GLU A 374 -5.41 16.27 17.14
C GLU A 374 -6.68 15.48 17.40
N VAL A 375 -6.55 14.21 17.80
CA VAL A 375 -7.75 13.39 18.01
C VAL A 375 -8.47 13.76 19.31
N GLN A 376 -7.82 14.46 20.23
CA GLN A 376 -8.44 14.88 21.48
C GLN A 376 -8.49 16.39 21.60
N TYR A 377 -8.25 17.11 20.50
CA TYR A 377 -8.18 18.56 20.53
C TYR A 377 -9.49 19.22 20.92
N TYR A 378 -10.63 18.68 20.47
CA TYR A 378 -11.92 19.27 20.75
C TYR A 378 -12.65 18.54 21.87
N ARG A 379 -11.94 17.77 22.67
CA ARG A 379 -12.49 17.00 23.76
C ARG A 379 -11.99 17.52 25.10
N HIS A 380 -12.63 17.07 26.17
CA HIS A 380 -12.14 17.35 27.51
C HIS A 380 -10.96 16.46 27.82
N ASN A 381 -9.87 17.06 28.29
CA ASN A 381 -8.68 16.28 28.63
C ASN A 381 -8.97 15.30 29.76
N GLY A 382 -9.69 15.74 30.79
CA GLY A 382 -10.00 14.86 31.90
C GLY A 382 -10.81 13.64 31.48
N ALA A 383 -11.64 13.79 30.45
CA ALA A 383 -12.48 12.70 30.01
C ALA A 383 -11.72 11.66 29.18
N VAL A 384 -10.56 12.01 28.64
CA VAL A 384 -9.86 11.13 27.70
C VAL A 384 -8.47 10.73 28.14
N GLN A 385 -7.96 11.26 29.25
CA GLN A 385 -6.61 10.97 29.69
C GLN A 385 -6.63 10.14 30.96
N SER A 386 -5.72 9.16 31.03
CA SER A 386 -5.45 8.46 32.28
C SER A 386 -4.37 9.17 33.10
N ASP A 387 -3.27 9.54 32.45
CA ASP A 387 -2.27 10.41 33.04
C ASP A 387 -2.02 11.58 32.09
N GLY A 388 -0.95 12.32 32.36
CA GLY A 388 -0.65 13.52 31.61
C GLY A 388 -0.46 13.30 30.13
N GLY A 389 0.11 12.16 29.74
CA GLY A 389 0.42 11.92 28.34
C GLY A 389 -0.22 10.70 27.74
N HIS A 390 -0.88 9.88 28.55
CA HIS A 390 -1.51 8.65 28.07
C HIS A 390 -3.02 8.76 28.21
N PHE A 391 -3.72 8.18 27.25
CA PHE A 391 -5.17 8.18 27.25
C PHE A 391 -5.71 7.11 28.20
N ASN A 392 -6.99 7.23 28.53
CA ASN A 392 -7.70 6.16 29.19
C ASN A 392 -8.31 5.25 28.13
N SER A 393 -9.22 4.36 28.54
CA SER A 393 -9.88 3.50 27.55
C SER A 393 -10.64 4.31 26.52
N MET A 394 -11.35 5.36 26.97
CA MET A 394 -12.13 6.16 26.05
C MET A 394 -11.24 6.96 25.09
N GLY A 395 -10.13 7.49 25.58
CA GLY A 395 -9.23 8.23 24.70
C GLY A 395 -8.62 7.35 23.62
N TYR A 396 -8.17 6.16 23.98
CA TYR A 396 -7.67 5.22 22.99
C TYR A 396 -8.77 4.78 22.03
N ALA A 397 -10.00 4.60 22.54
CA ALA A 397 -11.12 4.29 21.67
C ALA A 397 -11.36 5.40 20.66
N ILE A 398 -11.29 6.66 21.10
CA ILE A 398 -11.45 7.80 20.21
C ILE A 398 -10.36 7.79 19.15
N HIS A 399 -9.12 7.54 19.57
CA HIS A 399 -8.01 7.52 18.61
C HIS A 399 -8.21 6.44 17.55
N GLY A 400 -8.57 5.23 17.98
CA GLY A 400 -8.81 4.16 17.02
C GLY A 400 -9.99 4.45 16.10
N GLN A 401 -11.05 5.04 16.65
CA GLN A 401 -12.21 5.36 15.82
C GLN A 401 -11.89 6.43 14.80
N MET A 402 -11.11 7.46 15.18
CA MET A 402 -10.69 8.45 14.19
C MET A 402 -9.76 7.86 13.14
N LEU A 403 -8.89 6.91 13.54
CA LEU A 403 -8.04 6.26 12.56
C LEU A 403 -8.87 5.47 11.55
N ALA A 404 -9.87 4.74 12.03
CA ALA A 404 -10.76 4.03 11.12
C ALA A 404 -11.57 4.99 10.27
N SER A 405 -11.94 6.14 10.83
CA SER A 405 -12.62 7.17 10.06
C SER A 405 -11.75 7.68 8.92
N MET A 406 -10.45 7.88 9.19
CA MET A 406 -9.53 8.28 8.12
C MET A 406 -9.43 7.18 7.07
N PHE A 407 -9.42 5.92 7.51
CA PHE A 407 -9.36 4.81 6.56
C PHE A 407 -10.58 4.80 5.64
N MET A 408 -11.78 4.94 6.22
CA MET A 408 -13.00 4.87 5.41
C MET A 408 -13.24 6.13 4.60
N ALA A 409 -12.74 7.28 5.05
CA ALA A 409 -12.93 8.53 4.34
C ALA A 409 -12.14 8.60 3.05
N GLY A 410 -11.21 7.69 2.83
CA GLY A 410 -10.27 7.82 1.74
C GLY A 410 -9.04 8.63 2.07
N GLY A 411 -8.77 8.86 3.36
CA GLY A 411 -7.59 9.60 3.76
C GLY A 411 -6.27 8.91 3.44
N LEU A 412 -6.30 7.59 3.21
CA LEU A 412 -5.11 6.91 2.73
C LEU A 412 -4.69 7.39 1.35
N LEU A 413 -5.65 7.70 0.48
CA LEU A 413 -5.47 8.22 -0.87
C LEU A 413 -4.83 9.61 -0.82
N PRO A 414 -3.89 9.89 -1.72
CA PRO A 414 -3.26 11.21 -1.75
C PRO A 414 -4.16 12.29 -2.34
N THR A 415 -5.25 11.91 -3.00
CA THR A 415 -6.18 12.85 -3.60
C THR A 415 -7.28 13.26 -2.63
N TYR A 416 -7.23 12.80 -1.39
CA TYR A 416 -8.26 13.14 -0.43
C TYR A 416 -8.23 14.63 -0.11
N ARG A 417 -9.40 15.21 0.08
CA ARG A 417 -9.58 16.59 0.48
C ARG A 417 -10.60 16.66 1.62
N PRO A 418 -10.30 17.39 2.69
CA PRO A 418 -11.27 17.51 3.78
C PRO A 418 -12.51 18.27 3.31
N LEU A 419 -13.62 17.97 3.98
CA LEU A 419 -14.89 18.60 3.65
C LEU A 419 -14.89 20.03 4.17
N THR A 420 -15.06 20.99 3.25
CA THR A 420 -14.98 22.40 3.58
C THR A 420 -16.30 23.14 3.43
N ASN A 421 -17.16 22.72 2.50
CA ASN A 421 -18.42 23.38 2.24
C ASN A 421 -19.54 22.36 2.37
N GLU A 422 -20.78 22.84 2.21
CA GLU A 422 -21.93 21.95 2.24
C GLU A 422 -21.87 20.97 1.07
N ILE A 423 -22.18 19.72 1.34
CA ILE A 423 -22.20 18.68 0.33
C ILE A 423 -23.48 17.87 0.49
N ASN A 424 -24.10 17.53 -0.63
CA ASN A 424 -25.23 16.62 -0.66
C ASN A 424 -24.76 15.29 -1.24
N THR A 425 -24.49 14.32 -0.38
CA THR A 425 -24.00 13.03 -0.80
C THR A 425 -25.08 11.98 -0.56
N TRP A 426 -25.03 10.93 -1.35
CA TRP A 426 -25.97 9.81 -1.26
C TRP A 426 -25.18 8.51 -1.11
N CYS A 427 -25.91 7.42 -0.91
CA CYS A 427 -25.31 6.10 -0.81
C CYS A 427 -24.69 5.75 -2.15
N GLY A 428 -23.43 5.31 -2.12
CA GLY A 428 -22.72 4.95 -3.34
C GLY A 428 -22.04 6.09 -4.04
N ARG A 429 -22.21 7.32 -3.58
CA ARG A 429 -21.52 8.45 -4.18
C ARG A 429 -20.02 8.37 -3.89
N LEU A 430 -19.21 8.68 -4.90
CA LEU A 430 -17.76 8.67 -4.76
C LEU A 430 -17.25 10.09 -4.81
N ASP A 431 -16.71 10.56 -3.70
CA ASP A 431 -16.11 11.89 -3.62
C ASP A 431 -14.73 11.78 -2.98
N ASP A 432 -13.90 12.77 -3.27
CA ASP A 432 -12.59 12.88 -2.65
C ASP A 432 -12.65 13.45 -1.24
N SER A 433 -13.85 13.76 -0.74
CA SER A 433 -14.01 14.30 0.60
C SER A 433 -14.76 13.38 1.54
N ILE A 434 -15.83 12.73 1.08
CA ILE A 434 -16.64 11.86 1.92
C ILE A 434 -16.50 10.44 1.40
N GLY A 435 -16.10 9.53 2.29
CA GLY A 435 -15.98 8.13 1.95
C GLY A 435 -17.20 7.36 2.41
N TYR A 436 -17.89 6.76 1.45
CA TYR A 436 -19.07 5.96 1.75
C TYR A 436 -18.66 4.50 1.91
N CYS A 437 -19.13 3.87 2.99
CA CYS A 437 -18.88 2.46 3.25
C CYS A 437 -20.20 1.75 3.48
N ASP A 438 -20.46 0.72 2.69
CA ASP A 438 -21.58 -0.19 2.92
C ASP A 438 -21.06 -1.33 3.79
N ALA A 439 -21.17 -1.16 5.11
CA ALA A 439 -20.58 -2.13 6.03
C ALA A 439 -21.21 -3.50 5.90
N THR A 440 -22.54 -3.57 5.78
CA THR A 440 -23.25 -4.84 5.73
C THR A 440 -23.43 -5.35 4.30
N GLY A 441 -23.10 -4.56 3.29
CA GLY A 441 -23.19 -5.00 1.92
C GLY A 441 -24.58 -5.19 1.38
N ASN A 442 -25.61 -4.67 2.06
CA ASN A 442 -26.98 -4.85 1.64
C ASN A 442 -27.70 -3.52 1.41
N ILE A 443 -26.98 -2.41 1.30
CA ILE A 443 -27.60 -1.13 0.99
C ILE A 443 -27.97 -1.11 -0.48
N ASN A 444 -29.25 -0.95 -0.76
CA ASN A 444 -29.77 -1.05 -2.12
C ASN A 444 -29.47 0.23 -2.87
N LEU A 445 -28.43 0.22 -3.69
CA LEU A 445 -28.15 1.33 -4.60
C LEU A 445 -28.99 1.26 -5.86
N GLY A 446 -30.31 1.12 -5.72
CA GLY A 446 -31.20 1.05 -6.85
C GLY A 446 -31.75 2.42 -7.20
N ARG A 447 -32.10 2.59 -8.47
CA ARG A 447 -32.66 3.86 -8.91
C ARG A 447 -34.18 3.75 -8.97
N SER A 448 -34.86 4.69 -8.31
CA SER A 448 -36.30 4.71 -8.28
C SER A 448 -36.79 6.15 -8.27
N ASP A 449 -37.91 6.39 -8.96
CA ASP A 449 -38.55 7.69 -8.94
C ASP A 449 -39.17 8.02 -7.58
N GLY A 450 -39.26 7.05 -6.68
CA GLY A 450 -39.73 7.29 -5.34
C GLY A 450 -38.74 7.98 -4.44
N ALA A 451 -37.49 8.11 -4.89
CA ALA A 451 -36.50 8.87 -4.15
C ALA A 451 -36.85 10.35 -4.15
N TYR A 452 -36.43 11.04 -3.10
CA TYR A 452 -36.66 12.47 -2.97
C TYR A 452 -35.51 13.29 -3.52
N THR A 453 -34.55 12.65 -4.18
CA THR A 453 -33.40 13.32 -4.75
C THR A 453 -33.42 13.17 -6.26
N ARG A 454 -32.67 14.05 -6.94
CA ARG A 454 -32.54 13.98 -8.38
C ARG A 454 -31.61 12.88 -8.84
N THR A 455 -30.74 12.39 -7.97
CA THR A 455 -29.88 11.26 -8.29
C THR A 455 -30.63 9.94 -8.30
N LYS A 456 -31.82 9.89 -7.73
CA LYS A 456 -32.70 8.72 -7.75
C LYS A 456 -32.10 7.52 -7.03
N VAL A 457 -30.90 7.67 -6.45
CA VAL A 457 -30.34 6.61 -5.64
C VAL A 457 -31.11 6.54 -4.33
N VAL A 458 -31.70 5.38 -4.06
CA VAL A 458 -32.67 5.24 -2.97
C VAL A 458 -32.02 4.51 -1.81
N GLY A 459 -30.71 4.67 -1.65
CA GLY A 459 -29.89 3.72 -0.92
C GLY A 459 -30.57 3.23 0.34
N GLY A 460 -30.96 1.95 0.30
CA GLY A 460 -31.99 1.47 1.19
C GLY A 460 -31.55 0.36 2.12
N MET A 461 -32.01 0.44 3.36
CA MET A 461 -31.80 -0.59 4.36
C MET A 461 -33.06 -1.42 4.43
N LEU A 462 -33.01 -2.64 3.91
CA LEU A 462 -34.20 -3.48 3.84
C LEU A 462 -34.72 -3.81 5.23
N ALA A 463 -36.03 -4.01 5.32
CA ALA A 463 -36.64 -4.38 6.58
C ALA A 463 -36.19 -5.79 6.99
N ASN A 464 -36.12 -6.00 8.30
CA ASN A 464 -35.79 -7.27 8.94
C ASN A 464 -34.36 -7.71 8.70
N VAL A 465 -33.49 -6.84 8.20
CA VAL A 465 -32.08 -7.13 8.04
C VAL A 465 -31.27 -5.98 8.59
N ALA A 466 -30.13 -6.30 9.20
CA ALA A 466 -29.25 -5.30 9.78
C ALA A 466 -28.40 -4.68 8.68
N SER A 467 -28.62 -3.40 8.40
CA SER A 467 -27.87 -2.67 7.38
C SER A 467 -27.16 -1.51 8.03
N ILE A 468 -25.89 -1.31 7.68
CA ILE A 468 -25.06 -0.24 8.22
C ILE A 468 -24.48 0.54 7.06
N ALA A 469 -24.80 1.82 6.99
CA ALA A 469 -24.23 2.74 6.01
C ALA A 469 -23.48 3.83 6.76
N THR A 470 -22.19 3.98 6.46
CA THR A 470 -21.36 4.96 7.14
C THR A 470 -20.73 5.91 6.13
N PHE A 471 -20.69 7.18 6.49
CA PHE A 471 -20.04 8.21 5.70
C PHE A 471 -18.91 8.80 6.53
N SER A 472 -17.69 8.75 5.99
CA SER A 472 -16.50 9.18 6.71
C SER A 472 -15.86 10.32 5.95
N PHE A 473 -15.39 11.34 6.67
CA PHE A 473 -14.79 12.52 6.08
C PHE A 473 -14.00 13.26 7.14
N TYR A 474 -13.09 14.11 6.68
CA TYR A 474 -12.41 15.08 7.54
C TYR A 474 -13.17 16.38 7.49
N LEU A 475 -13.74 16.80 8.62
CA LEU A 475 -14.45 18.07 8.70
C LEU A 475 -13.43 19.18 8.91
N ASP A 476 -13.27 20.03 7.91
CA ASP A 476 -12.32 21.13 7.96
C ASP A 476 -12.88 22.37 8.67
N ALA A 477 -13.94 22.20 9.45
CA ALA A 477 -14.56 23.29 10.19
C ALA A 477 -14.72 22.87 11.65
N GLU A 478 -15.10 23.84 12.49
CA GLU A 478 -15.32 23.56 13.90
C GLU A 478 -16.63 22.84 14.16
N ALA A 479 -17.58 22.91 13.24
CA ALA A 479 -18.88 22.29 13.41
C ALA A 479 -19.49 22.03 12.04
N ALA A 480 -20.50 21.17 12.02
CA ALA A 480 -21.24 20.90 10.80
C ALA A 480 -22.63 20.40 11.15
N HIS A 481 -23.62 20.90 10.41
CA HIS A 481 -24.99 20.43 10.52
C HIS A 481 -25.20 19.23 9.62
N ILE A 482 -25.84 18.20 10.16
CA ILE A 482 -26.08 16.96 9.45
C ILE A 482 -27.56 16.91 9.07
N PHE A 483 -27.83 16.82 7.77
CA PHE A 483 -29.18 16.73 7.25
C PHE A 483 -29.32 15.44 6.46
N VAL A 484 -30.51 14.88 6.47
CA VAL A 484 -30.79 13.63 5.78
C VAL A 484 -32.12 13.75 5.04
N HIS A 485 -32.15 13.22 3.81
CA HIS A 485 -33.40 13.00 3.10
C HIS A 485 -33.68 11.50 3.19
N GLY A 486 -34.36 11.10 4.24
CA GLY A 486 -34.59 9.68 4.52
C GLY A 486 -36.03 9.39 4.86
N SER A 487 -36.49 8.21 4.48
CA SER A 487 -37.82 7.74 4.79
C SER A 487 -37.76 6.26 5.11
N GLY A 488 -38.75 5.78 5.84
CA GLY A 488 -38.83 4.39 6.19
C GLY A 488 -39.72 4.21 7.42
N ALA A 489 -39.93 2.94 7.77
CA ALA A 489 -40.80 2.60 8.88
C ALA A 489 -40.04 2.19 10.13
N GLY A 490 -38.97 1.42 9.99
CA GLY A 490 -38.24 0.91 11.14
C GLY A 490 -37.20 1.89 11.62
N PRO A 491 -36.76 1.70 12.88
CA PRO A 491 -35.88 2.70 13.50
C PRO A 491 -34.55 2.80 12.77
N ILE A 492 -34.18 4.03 12.42
CA ILE A 492 -32.86 4.33 11.86
C ILE A 492 -32.06 5.01 12.96
N ASN A 493 -30.84 4.51 13.20
CA ASN A 493 -30.00 5.01 14.27
C ASN A 493 -28.76 5.67 13.67
N VAL A 494 -28.43 6.85 14.19
CA VAL A 494 -27.29 7.62 13.70
C VAL A 494 -26.32 7.83 14.85
N LEU A 495 -25.07 7.45 14.65
CA LEU A 495 -24.00 7.70 15.60
C LEU A 495 -22.97 8.60 14.92
N VAL A 496 -22.64 9.72 15.58
CA VAL A 496 -21.85 10.78 14.97
C VAL A 496 -20.50 10.93 15.65
N ASP A 497 -20.45 10.76 16.97
CA ASP A 497 -19.24 11.02 17.72
C ASP A 497 -18.88 9.82 18.60
N ALA A 498 -17.78 9.95 19.33
CA ALA A 498 -17.04 8.86 19.95
C ALA A 498 -17.80 8.03 20.98
N PRO A 499 -18.43 8.62 22.01
CA PRO A 499 -19.04 7.77 23.05
C PRO A 499 -20.26 7.02 22.55
N SER A 500 -20.73 7.39 21.36
CA SER A 500 -21.88 6.72 20.77
C SER A 500 -21.55 5.34 20.24
N TRP A 501 -20.31 5.13 19.78
CA TRP A 501 -19.94 3.84 19.20
C TRP A 501 -19.53 2.84 20.28
N TRP A 502 -18.58 3.22 21.13
CA TRP A 502 -18.12 2.36 22.21
C TRP A 502 -18.07 3.16 23.50
N ASN A 503 -18.57 2.56 24.58
CA ASN A 503 -18.43 3.08 25.92
C ASN A 503 -18.71 1.96 26.91
N ASN A 504 -17.69 1.57 27.66
CA ASN A 504 -17.86 0.51 28.65
C ASN A 504 -18.48 0.99 29.95
N GLY A 505 -18.59 2.31 30.08
CA GLY A 505 -19.20 2.92 31.29
C GLY A 505 -18.27 2.80 32.47
N ALA A 506 -16.99 2.56 32.22
CA ALA A 506 -16.06 2.34 33.34
C ALA A 506 -15.88 3.63 34.12
N GLN A 507 -15.83 4.73 33.40
CA GLN A 507 -15.88 6.05 34.05
C GLN A 507 -17.14 6.78 33.59
N ASP A 508 -17.73 7.58 34.49
CA ASP A 508 -18.90 8.40 34.13
C ASP A 508 -18.49 9.41 33.07
N TYR A 509 -17.22 9.79 33.10
CA TYR A 509 -16.72 11.00 32.38
C TYR A 509 -16.38 10.58 30.97
N TYR A 510 -16.47 9.28 30.69
CA TYR A 510 -16.25 8.79 29.31
C TYR A 510 -17.36 9.33 28.44
N ASP A 511 -18.49 9.69 29.05
CA ASP A 511 -19.65 10.24 28.31
C ASP A 511 -19.37 11.69 27.91
N PHE A 512 -18.54 12.39 28.66
CA PHE A 512 -18.18 13.76 28.34
C PHE A 512 -17.08 13.84 27.29
N ALA A 513 -16.68 12.71 26.70
CA ALA A 513 -15.56 12.67 25.78
C ALA A 513 -15.97 12.86 24.33
N ASN A 514 -17.17 13.38 24.07
CA ASN A 514 -17.54 13.75 22.72
C ASN A 514 -16.89 15.09 22.36
N ASN A 515 -16.81 15.35 21.06
CA ASN A 515 -16.21 16.60 20.58
C ASN A 515 -17.04 17.79 21.06
N GLN A 516 -16.36 18.80 21.56
CA GLN A 516 -17.00 20.00 22.09
C GLN A 516 -16.50 21.23 21.36
N SER A 517 -17.14 22.36 21.63
CA SER A 517 -16.61 23.64 21.20
C SER A 517 -15.37 23.99 22.03
N ILE A 518 -14.39 24.59 21.37
CA ILE A 518 -13.16 24.95 22.06
C ILE A 518 -13.44 25.98 23.15
N ASN A 519 -14.24 27.00 22.87
CA ASN A 519 -14.51 28.07 23.80
C ASN A 519 -15.73 27.76 24.65
N PHE A 520 -15.64 28.11 25.93
CA PHE A 520 -16.73 27.89 26.88
C PHE A 520 -17.88 28.88 26.69
N SER A 521 -17.64 30.03 26.05
CA SER A 521 -18.61 31.11 26.05
C SER A 521 -19.92 30.67 25.41
N ASN A 522 -20.97 30.58 26.23
CA ASN A 522 -22.32 30.26 25.78
C ASN A 522 -22.37 28.94 25.03
N SER A 523 -21.45 28.03 25.35
CA SER A 523 -21.41 26.72 24.72
C SER A 523 -21.39 25.67 25.82
N PRO A 524 -22.54 25.21 26.31
CA PRO A 524 -22.55 24.20 27.37
C PRO A 524 -22.05 22.85 26.87
N GLN A 525 -21.95 21.87 27.75
CA GLN A 525 -21.45 20.55 27.37
C GLN A 525 -22.31 19.97 26.26
N ALA A 526 -21.66 19.54 25.20
CA ALA A 526 -22.38 19.01 24.04
C ALA A 526 -22.62 17.52 24.21
N ALA A 527 -23.86 17.09 24.03
CA ALA A 527 -24.22 15.68 24.01
C ALA A 527 -24.52 15.26 22.58
N ASN A 528 -24.15 14.04 22.24
CA ASN A 528 -24.37 13.53 20.89
C ASN A 528 -25.88 13.35 20.65
N ASN A 529 -26.42 14.10 19.70
CA ASN A 529 -27.82 14.03 19.34
C ASN A 529 -27.90 13.89 17.83
N ALA A 530 -28.10 12.66 17.36
CA ALA A 530 -28.20 12.36 15.94
C ALA A 530 -29.47 11.54 15.74
N ILE A 531 -30.57 12.21 15.43
CA ILE A 531 -31.88 11.59 15.31
C ILE A 531 -32.46 11.89 13.93
N VAL A 532 -33.04 10.89 13.30
CA VAL A 532 -33.76 11.03 12.05
C VAL A 532 -35.22 10.72 12.34
N ASP A 533 -36.09 11.72 12.20
CA ASP A 533 -37.51 11.55 12.47
C ASP A 533 -38.19 10.94 11.26
N LEU A 534 -38.67 9.71 11.41
CA LEU A 534 -39.29 8.97 10.32
C LEU A 534 -40.81 9.12 10.36
N SER A 535 -41.26 10.37 10.32
CA SER A 535 -42.67 10.66 10.22
C SER A 535 -43.10 10.55 8.76
N THR A 536 -44.07 9.68 8.48
CA THR A 536 -44.57 9.53 7.12
C THR A 536 -45.17 10.82 6.58
N THR A 537 -45.57 11.74 7.46
CA THR A 537 -46.02 13.06 7.03
C THR A 537 -44.90 13.83 6.35
N TYR A 538 -43.69 13.79 6.90
CA TYR A 538 -42.55 14.53 6.38
C TYR A 538 -41.48 13.61 5.80
N SER A 539 -41.89 12.43 5.32
CA SER A 539 -40.93 11.47 4.81
C SER A 539 -40.15 12.02 3.62
N ALA A 540 -40.82 12.74 2.73
CA ALA A 540 -40.18 13.36 1.58
C ALA A 540 -39.36 14.59 1.96
N ASP A 541 -39.49 15.08 3.19
CA ASP A 541 -38.82 16.29 3.63
C ASP A 541 -37.49 15.96 4.28
N ARG A 542 -36.59 16.94 4.26
CA ARG A 542 -35.28 16.82 4.85
C ARG A 542 -35.42 16.77 6.37
N LYS A 543 -34.58 15.96 7.01
CA LYS A 543 -34.54 15.85 8.46
C LYS A 543 -33.20 16.37 8.96
N PHE A 544 -33.26 17.23 9.97
CA PHE A 544 -32.04 17.70 10.63
C PHE A 544 -31.56 16.65 11.61
N VAL A 545 -30.53 15.90 11.22
CA VAL A 545 -29.99 14.86 12.09
C VAL A 545 -29.40 15.42 13.38
N GLY A 546 -28.62 16.49 13.30
CA GLY A 546 -27.94 17.07 14.42
C GLY A 546 -26.68 17.77 13.97
N ARG A 547 -25.75 17.93 14.90
CA ARG A 547 -24.48 18.59 14.63
C ARG A 547 -23.32 17.67 14.99
N ILE A 548 -22.21 17.87 14.30
CA ILE A 548 -20.93 17.27 14.66
C ILE A 548 -19.98 18.40 14.99
N LEU A 549 -19.31 18.31 16.13
CA LEU A 549 -18.40 19.36 16.57
C LEU A 549 -16.96 18.96 16.31
N GLY A 550 -16.11 19.97 16.14
CA GLY A 550 -14.68 19.75 16.07
C GLY A 550 -14.13 19.55 14.68
N ARG A 551 -12.86 19.89 14.50
CA ARG A 551 -12.13 19.64 13.28
C ARG A 551 -11.40 18.31 13.40
N GLY A 552 -11.67 17.41 12.46
CA GLY A 552 -11.05 16.11 12.49
C GLY A 552 -11.81 15.12 11.61
N TRP A 553 -11.43 13.86 11.75
CA TRP A 553 -12.05 12.78 10.99
C TRP A 553 -13.38 12.41 11.64
N LYS A 554 -14.43 12.38 10.83
CA LYS A 554 -15.79 12.13 11.31
C LYS A 554 -16.35 10.91 10.59
N THR A 555 -17.15 10.13 11.30
CA THR A 555 -17.92 9.03 10.72
C THR A 555 -19.38 9.22 11.09
N LEU A 556 -20.24 9.17 10.09
CA LEU A 556 -21.68 9.23 10.31
C LEU A 556 -22.25 7.84 10.04
N THR A 557 -22.57 7.12 11.11
CA THR A 557 -23.03 5.74 11.01
C THR A 557 -24.57 5.74 10.94
N PHE A 558 -25.11 5.31 9.81
CA PHE A 558 -26.54 5.12 9.63
C PHE A 558 -26.79 3.63 9.63
N PHE A 559 -27.48 3.13 10.66
CA PHE A 559 -27.76 1.72 10.77
C PHE A 559 -29.16 1.49 11.31
N THR A 560 -29.83 0.49 10.76
CA THR A 560 -31.13 0.06 11.23
C THR A 560 -30.95 -0.89 12.42
N ASN A 561 -32.04 -1.57 12.80
CA ASN A 561 -31.98 -2.50 13.91
C ASN A 561 -30.93 -3.57 13.66
N LEU A 562 -29.90 -3.60 14.51
CA LEU A 562 -28.80 -4.54 14.34
C LEU A 562 -29.20 -5.98 14.62
N GLN A 563 -30.32 -6.21 15.31
CA GLN A 563 -30.79 -7.55 15.60
C GLN A 563 -31.64 -8.12 14.48
N GLY A 564 -31.87 -7.36 13.40
CA GLY A 564 -32.64 -7.83 12.28
C GLY A 564 -34.14 -7.82 12.50
N THR A 565 -34.64 -7.11 13.51
CA THR A 565 -36.06 -7.04 13.82
C THR A 565 -36.64 -5.66 13.58
N GLY A 566 -36.05 -4.88 12.69
CA GLY A 566 -36.54 -3.56 12.39
C GLY A 566 -37.04 -3.42 10.98
N GLY A 567 -37.64 -2.28 10.66
CA GLY A 567 -38.17 -2.01 9.34
C GLY A 567 -37.14 -1.41 8.42
N ASP A 568 -37.63 -0.77 7.36
CA ASP A 568 -36.80 -0.28 6.29
C ASP A 568 -36.44 1.19 6.51
N PHE A 569 -35.34 1.62 5.87
CA PHE A 569 -34.95 3.01 5.81
C PHE A 569 -34.27 3.27 4.47
N TYR A 570 -34.61 4.39 3.85
CA TYR A 570 -34.06 4.77 2.55
C TYR A 570 -33.23 6.03 2.74
N LEU A 571 -31.92 5.88 2.62
CA LEU A 571 -30.99 6.99 2.81
C LEU A 571 -30.76 7.66 1.45
N ASN A 572 -31.73 8.48 1.03
CA ASN A 572 -31.71 9.08 -0.30
C ASN A 572 -30.57 10.08 -0.47
N SER A 573 -30.32 10.92 0.54
CA SER A 573 -29.21 11.84 0.46
C SER A 573 -28.78 12.24 1.87
N LEU A 574 -27.51 12.57 2.02
CA LEU A 574 -26.95 13.06 3.26
C LEU A 574 -26.32 14.42 3.01
N THR A 575 -26.66 15.39 3.83
CA THR A 575 -26.10 16.73 3.73
C THR A 575 -25.23 17.00 4.96
N VAL A 576 -23.96 17.31 4.73
CA VAL A 576 -23.04 17.74 5.77
C VAL A 576 -22.66 19.18 5.47
N GLN A 577 -23.14 20.10 6.28
CA GLN A 577 -22.91 21.52 6.05
C GLN A 577 -22.05 22.09 7.17
N PRO A 578 -20.76 22.35 6.91
CA PRO A 578 -19.95 23.01 7.94
C PRO A 578 -20.54 24.36 8.31
N VAL A 579 -20.57 24.64 9.61
CA VAL A 579 -21.17 25.86 10.14
C VAL A 579 -20.24 26.45 11.19
N PRO A 580 -20.38 27.73 11.52
CA PRO A 580 -19.73 28.25 12.73
C PRO A 580 -20.20 27.49 13.96
N VAL A 581 -19.25 27.24 14.86
CA VAL A 581 -19.54 26.44 16.04
C VAL A 581 -20.58 27.08 16.95
N GLY A 582 -20.66 28.42 16.97
CA GLY A 582 -21.68 29.09 17.75
C GLY A 582 -23.03 29.02 17.08
N MET A 583 -23.03 28.77 15.77
CA MET A 583 -24.26 28.58 15.01
C MET A 583 -24.69 27.14 14.92
N SER A 584 -23.90 26.21 15.47
CA SER A 584 -24.24 24.80 15.43
C SER A 584 -25.39 24.50 16.39
N VAL A 585 -26.38 23.77 15.90
CA VAL A 585 -27.55 23.39 16.67
C VAL A 585 -27.42 21.93 17.05
N GLN A 586 -27.44 21.65 18.36
CA GLN A 586 -27.39 20.27 18.82
C GLN A 586 -28.73 19.59 18.61
N ALA A 587 -29.78 20.11 19.22
CA ALA A 587 -31.14 19.63 19.03
C ALA A 587 -32.05 20.82 18.79
N ARG A 588 -32.93 20.68 17.80
CA ARG A 588 -33.84 21.75 17.46
C ARG A 588 -34.85 21.96 18.57
N ASN A 589 -35.15 23.23 18.87
CA ASN A 589 -36.19 23.60 19.84
C ASN A 589 -35.99 22.88 21.17
N TRP A 590 -34.73 22.75 21.58
CA TRP A 590 -34.36 22.07 22.80
C TRP A 590 -34.32 23.07 23.96
N ALA A 591 -33.75 22.63 25.06
CA ALA A 591 -33.65 23.45 26.27
C ALA A 591 -32.64 24.58 26.15
N ARG A 592 -32.07 24.86 24.99
CA ARG A 592 -31.06 25.89 24.83
C ARG A 592 -31.52 26.91 23.79
N PHE A 593 -30.83 28.05 23.76
CA PHE A 593 -31.04 29.07 22.74
C PHE A 593 -30.18 28.73 21.53
N ASP A 594 -30.83 28.41 20.42
CA ASP A 594 -30.12 28.06 19.19
C ASP A 594 -29.84 29.34 18.41
N LYS A 595 -28.57 29.64 18.21
CA LYS A 595 -28.18 30.83 17.45
C LYS A 595 -28.28 30.52 15.97
N GLY A 596 -29.13 31.27 15.27
CA GLY A 596 -29.23 31.15 13.83
C GLY A 596 -29.32 32.52 13.20
N HIS A 597 -29.56 32.57 11.90
CA HIS A 597 -29.72 33.83 11.18
C HIS A 597 -31.17 33.97 10.77
N ARG A 598 -31.47 35.09 10.11
CA ARG A 598 -32.82 35.39 9.64
C ARG A 598 -32.89 35.07 8.16
N ALA A 599 -33.35 33.87 7.82
CA ALA A 599 -33.53 33.49 6.43
C ALA A 599 -34.77 34.18 5.87
N VAL A 600 -34.62 34.85 4.74
CA VAL A 600 -35.69 35.62 4.14
C VAL A 600 -35.97 35.08 2.75
N TYR A 601 -37.24 34.74 2.48
CA TYR A 601 -37.67 34.27 1.18
C TYR A 601 -38.27 35.46 0.43
N SER A 602 -37.58 35.93 -0.60
CA SER A 602 -37.96 37.13 -1.31
C SER A 602 -38.51 36.79 -2.69
N LYS A 603 -39.64 37.39 -3.03
CA LYS A 603 -40.22 37.27 -4.36
C LYS A 603 -40.91 38.57 -4.71
N LYS A 604 -40.94 38.89 -6.00
CA LYS A 604 -41.62 40.08 -6.51
C LYS A 604 -42.81 39.63 -7.35
N ILE A 605 -43.99 40.13 -7.01
CA ILE A 605 -45.21 39.85 -7.78
C ILE A 605 -45.75 41.16 -8.32
N PRO A 606 -45.65 41.41 -9.63
CA PRO A 606 -45.10 40.54 -10.67
C PRO A 606 -43.58 40.56 -10.69
N GLN A 607 -42.95 39.60 -11.37
CA GLN A 607 -41.49 39.53 -11.39
C GLN A 607 -40.90 40.73 -12.11
N ALA A 608 -39.71 41.12 -11.69
CA ALA A 608 -39.00 42.25 -12.28
C ALA A 608 -37.90 41.81 -13.24
N TYR A 609 -37.79 40.51 -13.52
CA TYR A 609 -36.71 39.99 -14.35
C TYR A 609 -37.11 39.95 -15.81
N ASN A 610 -36.29 40.55 -16.66
CA ASN A 610 -36.46 40.49 -18.12
C ASN A 610 -37.84 40.95 -18.55
N GLN A 611 -38.34 42.03 -17.95
CA GLN A 611 -39.64 42.58 -18.31
C GLN A 611 -39.43 43.66 -19.36
N ALA A 612 -39.38 43.25 -20.63
CA ALA A 612 -39.19 44.20 -21.73
C ALA A 612 -40.27 45.26 -21.78
N THR A 613 -41.48 44.93 -21.33
CA THR A 613 -42.55 45.89 -21.17
C THR A 613 -42.98 45.92 -19.71
N LEU A 614 -43.54 47.04 -19.28
CA LEU A 614 -43.96 47.19 -17.90
C LEU A 614 -45.07 46.18 -17.60
N PRO A 615 -44.89 45.31 -16.61
CA PRO A 615 -45.95 44.34 -16.30
C PRO A 615 -47.16 45.04 -15.69
N THR A 616 -48.32 44.41 -15.88
CA THR A 616 -49.55 44.92 -15.30
C THR A 616 -49.55 44.68 -13.80
N ALA A 617 -50.09 45.66 -13.06
CA ALA A 617 -50.24 45.50 -11.63
C ALA A 617 -51.19 44.36 -11.31
N THR A 618 -50.78 43.51 -10.37
CA THR A 618 -51.53 42.31 -10.02
C THR A 618 -52.00 42.39 -8.57
N ALA A 619 -53.07 41.65 -8.29
CA ALA A 619 -53.58 41.53 -6.95
C ALA A 619 -52.90 40.37 -6.22
N LEU A 620 -52.55 40.61 -4.96
CA LEU A 620 -51.86 39.60 -4.15
C LEU A 620 -52.88 38.94 -3.23
N VAL A 621 -53.44 37.82 -3.68
CA VAL A 621 -54.44 37.11 -2.90
C VAL A 621 -53.96 35.70 -2.58
N ASN A 622 -53.02 35.19 -3.38
CA ASN A 622 -52.54 33.83 -3.23
C ASN A 622 -51.12 33.71 -3.77
N PHE A 623 -50.22 33.18 -2.95
CA PHE A 623 -48.88 32.84 -3.40
C PHE A 623 -48.36 31.72 -2.50
N GLN A 624 -47.38 31.00 -3.02
CA GLN A 624 -46.80 29.85 -2.32
C GLN A 624 -45.34 30.13 -2.05
N VAL A 625 -44.99 30.20 -0.77
CA VAL A 625 -43.61 30.44 -0.34
C VAL A 625 -43.12 29.17 0.34
N PRO A 626 -41.86 28.78 0.18
CA PRO A 626 -41.35 27.60 0.88
C PRO A 626 -41.51 27.75 2.38
N MET A 627 -41.89 26.64 3.02
CA MET A 627 -42.08 26.65 4.47
C MET A 627 -40.75 26.89 5.15
N PRO A 628 -40.64 27.88 6.03
CA PRO A 628 -39.35 28.15 6.68
C PRO A 628 -39.06 27.16 7.78
N GLN A 629 -37.80 27.18 8.23
CA GLN A 629 -37.35 26.21 9.22
C GLN A 629 -38.06 26.38 10.55
N SER A 630 -38.25 27.61 11.00
CA SER A 630 -38.83 27.86 12.32
C SER A 630 -40.25 27.30 12.43
N MET A 631 -40.95 27.14 11.32
CA MET A 631 -42.32 26.65 11.32
C MET A 631 -42.42 25.14 11.32
N LEU A 632 -41.29 24.43 11.26
CA LEU A 632 -41.46 22.98 11.17
C LEU A 632 -41.60 22.37 12.56
N PRO A 633 -42.28 21.23 12.67
CA PRO A 633 -42.35 20.53 13.95
C PRO A 633 -41.00 19.97 14.35
N THR A 634 -40.79 19.89 15.66
CA THR A 634 -39.61 19.25 16.20
C THR A 634 -39.97 17.84 16.68
N THR A 635 -39.26 16.85 16.14
CA THR A 635 -39.51 15.43 16.38
C THR A 635 -41.00 15.12 16.31
N PRO A 636 -41.62 15.23 15.14
CA PRO A 636 -43.08 14.98 15.05
C PRO A 636 -43.49 13.59 15.50
N SER A 637 -42.64 12.58 15.30
CA SER A 637 -42.99 11.22 15.71
C SER A 637 -43.09 11.09 17.22
N ILE A 638 -42.36 11.93 17.97
CA ILE A 638 -42.37 11.88 19.43
C ILE A 638 -43.21 13.00 20.03
N SER A 639 -42.94 14.23 19.63
CA SER A 639 -43.63 15.39 20.21
C SER A 639 -44.93 15.74 19.50
N GLY A 640 -45.30 15.01 18.45
CA GLY A 640 -46.53 15.29 17.76
C GLY A 640 -46.36 16.26 16.60
N ASP A 641 -47.27 16.20 15.65
CA ASP A 641 -47.23 17.07 14.48
C ASP A 641 -48.00 18.36 14.75
N LEU A 642 -47.84 19.32 13.83
CA LEU A 642 -48.55 20.60 13.95
C LEU A 642 -50.06 20.44 13.85
N GLY A 643 -50.55 19.33 13.30
CA GLY A 643 -51.98 19.16 13.16
C GLY A 643 -52.72 19.23 14.48
N THR A 644 -52.13 18.64 15.51
CA THR A 644 -52.75 18.70 16.84
C THR A 644 -51.88 19.54 17.75
N ASN A 645 -50.65 19.10 18.00
CA ASN A 645 -49.71 19.86 18.87
C ASN A 645 -49.28 21.10 18.09
N PHE A 646 -50.11 22.15 18.09
CA PHE A 646 -49.82 23.36 17.28
C PHE A 646 -48.75 24.19 17.96
N TYR A 647 -48.13 23.67 19.02
CA TYR A 647 -47.02 24.37 19.66
C TYR A 647 -45.73 23.86 19.05
N ASN A 648 -45.75 22.68 18.44
CA ASN A 648 -44.50 22.04 17.93
C ASN A 648 -43.94 22.87 16.77
N CYS A 649 -44.58 23.97 16.39
CA CYS A 649 -44.04 24.85 15.33
C CYS A 649 -43.58 26.19 15.93
N GLY A 650 -42.88 27.00 15.14
CA GLY A 650 -42.52 28.35 15.59
C GLY A 650 -43.23 29.35 14.70
N HIS A 651 -42.72 30.58 14.63
CA HIS A 651 -43.45 31.57 13.86
C HIS A 651 -42.56 32.12 12.76
N SER A 652 -43.20 32.64 11.73
CA SER A 652 -42.52 33.34 10.66
C SER A 652 -43.26 34.64 10.39
N VAL A 653 -42.50 35.67 10.01
CA VAL A 653 -43.05 36.99 9.75
C VAL A 653 -43.09 37.20 8.24
N LEU A 654 -44.29 37.48 7.73
CA LEU A 654 -44.50 37.74 6.32
C LEU A 654 -44.55 39.24 6.09
N LYS A 655 -43.50 39.78 5.47
CA LYS A 655 -43.39 41.21 5.22
C LYS A 655 -43.73 41.46 3.76
N ILE A 656 -44.83 42.15 3.52
CA ILE A 656 -45.32 42.42 2.17
C ILE A 656 -45.33 43.93 1.95
N SER A 657 -44.72 44.36 0.86
CA SER A 657 -44.71 45.76 0.46
C SER A 657 -44.97 45.84 -1.04
N ASN A 658 -45.59 46.92 -1.48
CA ASN A 658 -45.93 47.10 -2.88
C ASN A 658 -45.42 48.46 -3.38
N SER A 659 -45.45 48.63 -4.70
CA SER A 659 -44.96 49.85 -5.32
C SER A 659 -45.77 51.08 -4.95
N SER A 660 -46.95 50.90 -4.36
CA SER A 660 -47.78 52.00 -3.90
C SER A 660 -47.39 52.49 -2.52
N GLY A 661 -46.35 51.91 -1.93
CA GLY A 661 -45.92 52.27 -0.60
C GLY A 661 -46.65 51.57 0.52
N ASP A 662 -47.62 50.72 0.22
CA ASP A 662 -48.37 50.00 1.22
C ASP A 662 -47.52 48.87 1.78
N TYR A 663 -47.44 48.79 3.11
CA TYR A 663 -46.63 47.79 3.79
C TYR A 663 -47.55 46.88 4.59
N LEU A 664 -47.15 45.61 4.72
CA LEU A 664 -47.95 44.62 5.43
C LEU A 664 -47.02 43.65 6.14
N GLU A 665 -46.96 43.74 7.45
CA GLU A 665 -46.17 42.83 8.29
C GLU A 665 -47.14 41.86 8.95
N VAL A 666 -47.02 40.58 8.61
CA VAL A 666 -47.94 39.55 9.05
C VAL A 666 -47.18 38.52 9.85
N LEU A 667 -47.65 38.24 11.07
CA LEU A 667 -47.08 37.19 11.90
C LEU A 667 -47.81 35.88 11.57
N LEU A 668 -47.12 34.99 10.88
CA LEU A 668 -47.67 33.67 10.55
C LEU A 668 -47.38 32.75 11.73
N ILE A 669 -48.40 32.43 12.50
CA ILE A 669 -48.28 31.60 13.69
C ILE A 669 -49.50 30.69 13.78
N LYS A 670 -49.31 29.51 14.34
CA LYS A 670 -50.40 28.55 14.47
C LYS A 670 -51.06 28.70 15.83
N THR A 671 -52.33 29.11 15.82
CA THR A 671 -53.11 29.27 17.03
C THR A 671 -54.13 28.17 17.26
N THR A 672 -54.46 27.40 16.22
CA THR A 672 -55.47 26.36 16.29
C THR A 672 -54.90 25.02 15.87
N GLY A 673 -55.50 23.95 16.39
CA GLY A 673 -55.17 22.60 16.00
C GLY A 673 -56.22 22.00 15.08
N GLY A 674 -55.99 20.74 14.72
CA GLY A 674 -56.93 20.01 13.90
C GLY A 674 -56.64 20.13 12.42
N GLY A 675 -55.71 21.00 12.07
CA GLY A 675 -55.34 21.20 10.69
C GLY A 675 -53.91 21.67 10.57
N TYR A 676 -53.55 22.09 9.37
CA TYR A 676 -52.23 22.61 9.08
C TYR A 676 -52.30 24.04 8.56
N VAL A 677 -53.09 24.86 9.24
CA VAL A 677 -53.32 26.25 8.87
C VAL A 677 -52.64 27.14 9.90
N PHE A 678 -51.83 28.08 9.42
CA PHE A 678 -51.18 29.06 10.28
C PHE A 678 -51.95 30.37 10.26
N THR A 679 -52.31 30.87 11.43
CA THR A 679 -53.07 32.10 11.52
C THR A 679 -52.15 33.29 11.27
N GLY A 680 -52.46 34.06 10.24
CA GLY A 680 -51.66 35.23 9.92
C GLY A 680 -52.17 36.48 10.61
N LYS A 681 -51.49 36.89 11.67
CA LYS A 681 -51.85 38.11 12.39
C LYS A 681 -51.07 39.28 11.85
N ILE A 682 -51.78 40.33 11.45
CA ILE A 682 -51.14 41.52 10.90
C ILE A 682 -50.52 42.31 12.05
N LEU A 683 -49.20 42.49 11.99
CA LEU A 683 -48.51 43.25 13.02
C LEU A 683 -48.46 44.74 12.70
N LYS A 684 -47.83 45.10 11.58
CA LYS A 684 -47.82 46.49 11.14
C LYS A 684 -48.29 46.54 9.69
N THR A 685 -49.19 47.47 9.41
CA THR A 685 -49.67 47.71 8.06
C THR A 685 -49.92 49.19 7.86
N THR A 686 -49.58 49.69 6.68
CA THR A 686 -49.91 51.06 6.31
C THR A 686 -51.33 51.18 5.77
N TYR A 687 -52.02 50.06 5.57
CA TYR A 687 -53.41 50.07 5.15
C TYR A 687 -54.30 50.61 6.26
N ALA A 688 -55.40 51.24 5.85
CA ALA A 688 -56.44 51.62 6.79
C ALA A 688 -57.17 50.38 7.29
N THR A 689 -57.89 50.54 8.40
CA THR A 689 -58.62 49.43 8.98
C THR A 689 -59.64 48.84 8.01
N GLY A 690 -60.25 49.65 7.17
CA GLY A 690 -61.17 49.16 6.17
C GLY A 690 -60.48 48.62 4.94
N ASN A 691 -59.16 48.84 4.85
CA ASN A 691 -58.37 48.34 3.74
C ASN A 691 -57.43 47.20 4.13
N GLN A 692 -57.27 46.93 5.42
CA GLN A 692 -56.46 45.81 5.89
C GLN A 692 -57.07 44.51 5.41
N PRO A 693 -56.25 43.53 5.02
CA PRO A 693 -56.80 42.21 4.68
C PRO A 693 -57.56 41.62 5.86
N THR A 694 -58.73 41.05 5.57
CA THR A 694 -59.58 40.50 6.62
C THR A 694 -58.99 39.26 7.26
N ALA A 695 -58.44 38.34 6.46
CA ALA A 695 -57.87 37.11 6.97
C ALA A 695 -56.70 36.71 6.08
N ILE A 696 -55.55 36.46 6.70
CA ILE A 696 -54.37 35.98 6.00
C ILE A 696 -54.06 34.58 6.51
N THR A 697 -54.06 33.61 5.59
CA THR A 697 -53.97 32.20 5.95
C THR A 697 -52.72 31.60 5.32
N ALA A 698 -51.89 30.98 6.16
CA ALA A 698 -50.71 30.25 5.70
C ALA A 698 -50.96 28.76 5.91
N THR A 699 -51.10 28.02 4.83
CA THR A 699 -51.42 26.60 4.91
C THR A 699 -50.19 25.78 4.53
N ALA A 700 -49.75 24.92 5.44
CA ALA A 700 -48.61 24.05 5.19
C ALA A 700 -48.98 23.01 4.15
N ALA A 701 -48.10 22.81 3.17
CA ALA A 701 -48.39 21.92 2.05
C ALA A 701 -47.09 21.41 1.46
N HIS A 702 -47.21 20.36 0.67
CA HIS A 702 -46.09 19.82 -0.11
C HIS A 702 -46.35 20.01 -1.59
N TYR A 703 -45.32 20.41 -2.32
CA TYR A 703 -45.43 20.45 -3.77
C TYR A 703 -45.56 19.03 -4.31
N SER A 704 -46.35 18.88 -5.37
CA SER A 704 -46.41 17.61 -6.08
C SER A 704 -45.23 17.52 -7.04
N MET A 705 -44.93 16.29 -7.45
CA MET A 705 -43.87 16.05 -8.42
C MET A 705 -44.48 15.80 -9.80
N LYS A 706 -43.85 16.36 -10.82
CA LYS A 706 -44.32 16.24 -12.19
C LYS A 706 -43.17 15.72 -13.06
N ASP A 707 -43.54 15.12 -14.18
CA ASP A 707 -42.58 14.56 -15.11
C ASP A 707 -42.23 15.60 -16.18
N LEU A 708 -40.99 16.07 -16.18
CA LEU A 708 -40.52 16.90 -17.27
C LEU A 708 -40.45 16.11 -18.57
N LYS A 709 -40.01 14.85 -18.49
CA LYS A 709 -39.91 13.98 -19.65
C LYS A 709 -40.06 12.55 -19.17
N VAL A 710 -41.22 11.94 -19.45
CA VAL A 710 -41.42 10.55 -19.09
C VAL A 710 -40.47 9.67 -19.90
N ALA A 711 -40.01 8.60 -19.25
CA ALA A 711 -39.09 7.67 -19.91
C ALA A 711 -39.75 7.08 -21.15
N GLY A 712 -39.05 7.20 -22.29
CA GLY A 712 -39.56 6.73 -23.55
C GLY A 712 -40.50 7.68 -24.26
N ALA A 713 -40.60 8.94 -23.81
CA ALA A 713 -41.51 9.89 -24.45
C ALA A 713 -41.10 10.19 -25.88
N ASN A 714 -39.81 10.39 -26.13
CA ASN A 714 -39.31 10.72 -27.46
C ASN A 714 -39.14 9.48 -28.34
N GLY A 715 -39.30 8.29 -27.79
CA GLY A 715 -39.13 7.08 -28.54
C GLY A 715 -38.61 5.97 -27.65
N PRO A 716 -38.23 4.83 -28.24
CA PRO A 716 -37.71 3.72 -27.43
C PRO A 716 -36.50 4.14 -26.60
N ASN A 717 -36.67 4.12 -25.29
CA ASN A 717 -35.59 4.38 -24.33
C ASN A 717 -35.07 5.81 -24.41
N MET A 718 -35.84 6.71 -25.01
CA MET A 718 -35.47 8.12 -25.05
C MET A 718 -36.54 8.97 -24.35
N PRO A 719 -36.30 9.44 -23.13
CA PRO A 719 -35.09 9.26 -22.31
C PRO A 719 -35.03 7.88 -21.66
N LEU A 720 -33.86 7.50 -21.16
CA LEU A 720 -33.73 6.22 -20.46
C LEU A 720 -34.61 6.18 -19.22
N GLU A 721 -34.60 7.26 -18.44
CA GLU A 721 -35.36 7.36 -17.20
C GLU A 721 -36.25 8.59 -17.23
N THR A 722 -37.27 8.57 -16.38
CA THR A 722 -38.16 9.72 -16.26
C THR A 722 -37.42 10.89 -15.62
N ILE A 723 -37.47 12.04 -16.28
CA ILE A 723 -36.90 13.26 -15.74
C ILE A 723 -38.01 14.00 -15.01
N ARG A 724 -37.91 14.06 -13.69
CA ARG A 724 -38.98 14.58 -12.85
C ARG A 724 -38.60 15.93 -12.28
N ASP A 725 -39.62 16.70 -11.90
CA ASP A 725 -39.47 18.01 -11.30
C ASP A 725 -40.60 18.22 -10.33
N ILE A 726 -40.44 19.19 -9.44
CA ILE A 726 -41.51 19.57 -8.53
C ILE A 726 -42.52 20.40 -9.33
N ASP A 727 -43.80 20.16 -9.07
CA ASP A 727 -44.87 20.86 -9.75
C ASP A 727 -45.24 22.08 -8.91
N MET A 728 -44.72 23.25 -9.29
CA MET A 728 -44.99 24.48 -8.56
C MET A 728 -46.46 24.89 -8.60
N ALA A 729 -47.23 24.36 -9.54
CA ALA A 729 -48.65 24.65 -9.64
C ALA A 729 -49.52 23.68 -8.86
N SER A 730 -48.98 22.51 -8.50
CA SER A 730 -49.73 21.48 -7.78
C SER A 730 -49.11 21.30 -6.40
N TYR A 731 -49.84 21.70 -5.37
CA TYR A 731 -49.42 21.53 -3.99
C TYR A 731 -50.60 20.99 -3.19
N VAL A 732 -50.32 20.06 -2.29
CA VAL A 732 -51.34 19.37 -1.51
C VAL A 732 -51.14 19.68 -0.05
N THR A 733 -52.22 20.10 0.61
CA THR A 733 -52.19 20.38 2.04
C THR A 733 -51.79 19.14 2.81
N ILE A 734 -50.99 19.33 3.86
CA ILE A 734 -50.56 18.22 4.70
C ILE A 734 -51.78 17.55 5.32
N GLY A 735 -51.79 16.22 5.29
CA GLY A 735 -52.92 15.44 5.72
C GLY A 735 -53.90 15.10 4.61
N VAL A 736 -54.09 16.02 3.66
CA VAL A 736 -54.89 15.71 2.48
C VAL A 736 -54.18 14.73 1.55
N GLY A 737 -52.88 14.87 1.38
CA GLY A 737 -52.13 13.98 0.52
C GLY A 737 -50.64 14.17 0.72
N ALA A 738 -49.87 13.31 0.04
CA ALA A 738 -48.42 13.31 0.15
C ALA A 738 -47.81 13.90 -1.10
N GLY A 739 -46.88 14.83 -0.92
CA GLY A 739 -46.14 15.40 -2.03
C GLY A 739 -44.65 15.40 -1.77
N ASN A 740 -43.86 15.05 -2.77
CA ASN A 740 -42.41 14.98 -2.61
C ASN A 740 -41.68 16.21 -3.13
N GLY A 741 -42.37 17.32 -3.29
CA GLY A 741 -41.77 18.50 -3.89
C GLY A 741 -41.26 19.53 -2.90
N GLY A 742 -41.44 19.26 -1.60
CA GLY A 742 -40.93 20.18 -0.60
C GLY A 742 -42.02 20.86 0.21
N LEU A 743 -41.71 21.23 1.45
CA LEU A 743 -42.66 21.86 2.33
C LEU A 743 -42.87 23.32 1.92
N VAL A 744 -44.13 23.71 1.72
CA VAL A 744 -44.47 25.05 1.28
C VAL A 744 -45.60 25.59 2.14
N LEU A 745 -45.77 26.91 2.07
CA LEU A 745 -46.90 27.57 2.70
C LEU A 745 -47.82 28.11 1.60
N ASP A 746 -49.09 27.70 1.63
CA ASP A 746 -50.09 28.26 0.74
C ASP A 746 -50.67 29.50 1.41
N ILE A 747 -50.12 30.66 1.05
CA ILE A 747 -50.54 31.93 1.66
C ILE A 747 -51.76 32.44 0.92
N ASN A 748 -52.85 32.62 1.65
CA ASN A 748 -54.10 33.14 1.10
C ASN A 748 -54.44 34.43 1.81
N ILE A 749 -54.47 35.53 1.06
CA ILE A 749 -54.78 36.84 1.61
C ILE A 749 -56.20 37.19 1.17
N THR A 750 -57.07 37.44 2.14
CA THR A 750 -58.46 37.80 1.87
C THR A 750 -58.63 39.30 2.09
N TRP A 751 -59.10 39.99 1.08
CA TRP A 751 -59.25 41.43 1.17
C TRP A 751 -60.71 41.80 1.41
N PRO A 752 -60.98 42.83 2.22
CA PRO A 752 -62.37 43.20 2.50
C PRO A 752 -63.12 43.68 1.27
N SER A 753 -62.42 44.30 0.33
CA SER A 753 -63.04 44.85 -0.87
C SER A 753 -62.31 44.23 -2.05
N THR A 754 -62.47 44.76 -3.26
CA THR A 754 -61.68 44.22 -4.37
C THR A 754 -60.20 44.33 -4.04
N PRO A 755 -59.42 43.29 -4.34
CA PRO A 755 -58.01 43.27 -3.94
C PRO A 755 -57.23 44.37 -4.63
N PRO A 756 -56.40 45.11 -3.89
CA PRO A 756 -55.57 46.15 -4.52
C PRO A 756 -54.59 45.53 -5.50
N THR A 757 -54.34 46.25 -6.59
CA THR A 757 -53.40 45.82 -7.61
C THR A 757 -52.18 46.74 -7.61
N SER A 758 -51.01 46.14 -7.46
CA SER A 758 -49.76 46.90 -7.43
C SER A 758 -48.61 45.94 -7.75
N TYR A 759 -47.39 46.42 -7.55
CA TYR A 759 -46.19 45.64 -7.76
C TYR A 759 -45.64 45.25 -6.39
N TRP A 760 -45.83 43.99 -6.01
CA TRP A 760 -45.65 43.55 -4.64
C TRP A 760 -44.24 43.04 -4.40
N ASN A 761 -43.71 43.33 -3.21
CA ASN A 761 -42.47 42.75 -2.71
C ASN A 761 -42.84 41.86 -1.52
N ILE A 762 -42.59 40.57 -1.64
CA ILE A 762 -42.95 39.60 -0.62
C ILE A 762 -41.67 39.09 0.02
N GLU A 763 -41.59 39.20 1.34
CA GLU A 763 -40.48 38.66 2.12
C GLU A 763 -41.04 37.84 3.27
N LEU A 764 -40.55 36.62 3.41
CA LEU A 764 -40.92 35.73 4.51
C LEU A 764 -39.73 35.63 5.45
N GLU A 765 -39.83 36.28 6.61
CA GLU A 765 -38.77 36.30 7.59
C GLU A 765 -39.00 35.21 8.63
N ALA A 766 -37.98 34.41 8.89
CA ALA A 766 -38.06 33.38 9.91
C ALA A 766 -36.67 32.97 10.36
N TRP A 767 -36.59 32.39 11.55
CA TRP A 767 -35.34 31.87 12.06
C TRP A 767 -34.94 30.63 11.27
N ASP A 768 -33.64 30.48 11.03
CA ASP A 768 -33.11 29.30 10.35
C ASP A 768 -31.69 29.07 10.81
N MET A 769 -31.24 27.82 10.69
CA MET A 769 -29.85 27.48 10.95
C MET A 769 -28.98 28.19 9.93
N PHE A 770 -27.77 28.58 10.35
CA PHE A 770 -26.90 29.39 9.51
C PHE A 770 -26.58 28.69 8.19
N GLY A 771 -27.00 29.28 7.08
CA GLY A 771 -26.75 28.72 5.78
C GLY A 771 -27.56 27.48 5.45
N ASN A 772 -28.67 27.26 6.14
CA ASN A 772 -29.49 26.08 5.87
C ASN A 772 -30.12 26.19 4.50
N SER A 773 -29.90 25.18 3.66
CA SER A 773 -30.45 25.18 2.31
C SER A 773 -31.94 24.87 2.29
N GLU A 774 -32.38 23.93 3.11
CA GLU A 774 -33.77 23.48 3.12
C GLU A 774 -34.29 23.46 4.54
N ALA A 775 -35.53 23.77 4.77
CA ALA A 775 -36.10 23.60 6.10
C ALA A 775 -36.11 22.13 6.37
N SER A 776 -35.52 21.74 7.47
CA SER A 776 -35.31 20.33 7.78
C SER A 776 -36.00 20.02 9.10
N ILE A 777 -36.84 19.01 9.15
CA ILE A 777 -37.59 18.61 10.37
C ILE A 777 -36.58 18.12 11.41
N TYR B 123 84.30 -49.13 -37.30
CA TYR B 123 83.16 -49.83 -36.73
C TYR B 123 82.12 -50.13 -37.80
N ILE B 124 81.38 -51.20 -37.60
CA ILE B 124 80.32 -51.61 -38.53
C ILE B 124 79.00 -51.02 -38.03
N PRO B 125 78.37 -50.12 -38.79
CA PRO B 125 77.10 -49.56 -38.33
C PRO B 125 75.95 -50.54 -38.54
N PHE B 126 75.21 -50.80 -37.46
CA PHE B 126 74.05 -51.68 -37.50
C PHE B 126 72.81 -50.86 -37.19
N VAL B 127 71.83 -50.89 -38.09
CA VAL B 127 70.60 -50.13 -37.95
C VAL B 127 69.52 -51.05 -37.42
N PHE B 128 68.92 -50.66 -36.29
CA PHE B 128 67.93 -51.51 -35.64
C PHE B 128 66.57 -51.36 -36.30
N ASN B 129 66.04 -52.48 -36.80
CA ASN B 129 64.72 -52.56 -37.42
C ASN B 129 64.57 -51.49 -38.50
N ASN B 130 65.44 -51.53 -39.51
CA ASN B 130 65.39 -50.65 -40.68
C ASN B 130 65.36 -49.16 -40.33
N GLY B 131 65.63 -48.82 -39.07
CA GLY B 131 65.61 -47.44 -38.63
C GLY B 131 64.35 -47.00 -37.92
N SER B 132 63.40 -47.91 -37.69
CA SER B 132 62.16 -47.58 -37.01
C SER B 132 61.85 -48.68 -36.00
N ALA B 133 62.14 -48.41 -34.73
CA ALA B 133 61.88 -49.36 -33.66
C ALA B 133 60.39 -49.58 -33.49
N ALA B 134 60.01 -50.76 -33.00
CA ALA B 134 58.62 -51.13 -32.82
C ALA B 134 58.01 -50.56 -31.55
N GLY B 135 58.82 -49.96 -30.68
CA GLY B 135 58.31 -49.40 -29.45
C GLY B 135 58.47 -50.36 -28.28
N GLY B 136 58.81 -49.81 -27.12
CA GLY B 136 58.95 -50.59 -25.91
C GLY B 136 60.11 -51.58 -25.95
N GLU B 137 61.12 -51.31 -26.78
CA GLU B 137 62.27 -52.19 -26.85
C GLU B 137 63.35 -51.75 -25.87
N THR B 138 63.60 -52.58 -24.86
CA THR B 138 64.66 -52.33 -23.89
C THR B 138 65.99 -52.92 -24.32
N THR B 139 65.99 -54.09 -24.97
CA THR B 139 67.20 -54.79 -25.34
C THR B 139 67.24 -55.01 -26.84
N ILE B 140 68.44 -54.91 -27.41
CA ILE B 140 68.66 -55.08 -28.85
C ILE B 140 69.71 -56.15 -29.05
N VAL B 141 69.41 -57.11 -29.94
CA VAL B 141 70.31 -58.21 -30.25
C VAL B 141 71.12 -57.83 -31.48
N VAL B 142 72.44 -57.94 -31.37
CA VAL B 142 73.35 -57.57 -32.44
C VAL B 142 73.82 -58.83 -33.16
N PRO B 143 74.32 -58.78 -34.43
CA PRO B 143 74.84 -59.98 -35.06
C PRO B 143 76.06 -60.59 -34.39
N ASP B 144 76.42 -61.82 -34.79
CA ASP B 144 77.54 -62.55 -34.15
C ASP B 144 78.86 -61.78 -34.27
N TYR B 145 79.20 -61.36 -35.48
CA TYR B 145 80.46 -60.60 -35.70
C TYR B 145 80.72 -59.65 -34.53
N THR B 146 79.69 -58.96 -34.04
CA THR B 146 79.87 -57.95 -32.97
C THR B 146 80.52 -58.57 -31.73
N ILE B 147 81.76 -58.18 -31.45
CA ILE B 147 82.44 -58.63 -30.21
C ILE B 147 82.35 -57.49 -29.20
N GLY B 148 81.78 -56.36 -29.63
CA GLY B 148 81.66 -55.19 -28.75
C GLY B 148 80.79 -54.14 -29.41
N VAL B 149 80.07 -53.35 -28.61
CA VAL B 149 79.27 -52.22 -29.18
C VAL B 149 79.74 -50.95 -28.49
N PRO B 150 80.70 -50.20 -29.06
CA PRO B 150 81.24 -49.02 -28.39
C PRO B 150 80.32 -47.82 -28.37
N GLU B 151 79.42 -47.72 -29.35
CA GLU B 151 78.57 -46.55 -29.50
C GLU B 151 77.17 -46.95 -29.93
N ILE B 152 76.19 -46.17 -29.48
CA ILE B 152 74.80 -46.29 -29.92
C ILE B 152 74.34 -44.90 -30.32
N TYR B 153 73.71 -44.79 -31.48
CA TYR B 153 73.21 -43.52 -31.99
C TYR B 153 71.68 -43.59 -32.03
N VAL B 154 71.04 -43.06 -30.99
CA VAL B 154 69.59 -42.99 -30.91
C VAL B 154 69.17 -41.62 -31.41
N GLU B 155 68.55 -41.58 -32.59
CA GLU B 155 68.12 -40.32 -33.20
C GLU B 155 69.26 -39.32 -33.30
N GLY B 156 70.43 -39.78 -33.73
CA GLY B 156 71.59 -38.93 -33.89
C GLY B 156 72.34 -38.62 -32.62
N PHE B 157 71.93 -39.21 -31.50
CA PHE B 157 72.56 -38.99 -30.21
C PHE B 157 73.51 -40.13 -29.88
N ARG B 158 74.81 -39.83 -29.79
CA ARG B 158 75.79 -40.84 -29.42
C ARG B 158 75.62 -41.20 -27.96
N GLN B 159 75.60 -42.50 -27.67
CA GLN B 159 75.51 -43.00 -26.31
C GLN B 159 76.80 -43.72 -25.97
N GLN B 160 77.24 -43.57 -24.72
CA GLN B 160 78.47 -44.19 -24.26
C GLN B 160 78.17 -45.49 -23.51
N VAL B 161 79.08 -46.45 -23.64
CA VAL B 161 78.95 -47.72 -22.92
C VAL B 161 78.87 -47.46 -21.42
N GLY B 162 77.85 -48.05 -20.80
CA GLY B 162 77.67 -47.93 -19.36
C GLY B 162 76.82 -46.75 -18.96
N ARG B 163 76.68 -45.77 -19.85
CA ARG B 163 75.86 -44.60 -19.59
C ARG B 163 74.50 -44.67 -20.28
N GLY B 164 74.49 -44.78 -21.61
CA GLY B 164 73.25 -44.86 -22.34
C GLY B 164 72.86 -46.27 -22.71
N PHE B 165 73.79 -47.20 -22.54
CA PHE B 165 73.56 -48.59 -22.88
C PHE B 165 74.69 -49.44 -22.33
N THR B 166 74.39 -50.69 -22.04
CA THR B 166 75.38 -51.69 -21.63
C THR B 166 75.32 -52.86 -22.58
N PHE B 167 76.48 -53.24 -23.11
CA PHE B 167 76.58 -54.37 -24.04
C PHE B 167 77.16 -55.57 -23.30
N ASN B 168 76.45 -56.70 -23.37
CA ASN B 168 76.92 -57.96 -22.81
C ASN B 168 77.37 -58.85 -23.98
N SER B 169 78.59 -59.38 -23.87
CA SER B 169 79.15 -60.18 -24.96
C SER B 169 78.60 -61.60 -24.94
N VAL B 170 78.14 -62.06 -23.78
CA VAL B 170 77.67 -63.44 -23.67
C VAL B 170 76.41 -63.67 -24.51
N ASN B 171 75.41 -62.79 -24.39
CA ASN B 171 74.14 -62.96 -25.06
C ASN B 171 74.10 -62.19 -26.38
N LEU B 172 75.07 -61.28 -26.59
CA LEU B 172 75.10 -60.42 -27.78
C LEU B 172 73.92 -59.46 -27.80
N THR B 173 73.56 -58.94 -26.63
CA THR B 173 72.40 -58.08 -26.47
C THR B 173 72.82 -56.76 -25.84
N VAL B 174 72.32 -55.66 -26.40
CA VAL B 174 72.57 -54.31 -25.90
C VAL B 174 71.41 -53.91 -25.00
N THR B 175 71.70 -53.72 -23.72
CA THR B 175 70.68 -53.28 -22.76
C THR B 175 70.66 -51.75 -22.75
N LEU B 176 69.54 -51.18 -23.17
CA LEU B 176 69.43 -49.74 -23.32
C LEU B 176 68.98 -49.09 -22.01
N ALA B 177 69.41 -47.84 -21.82
CA ALA B 177 68.99 -47.08 -20.65
C ALA B 177 67.50 -46.78 -20.67
N GLN B 178 66.93 -46.50 -21.84
CA GLN B 178 65.51 -46.25 -21.98
C GLN B 178 64.88 -47.30 -22.88
N PRO B 179 63.59 -47.61 -22.66
CA PRO B 179 62.86 -48.42 -23.66
C PRO B 179 62.61 -47.60 -24.91
N LEU B 180 62.88 -48.22 -26.06
CA LEU B 180 62.73 -47.52 -27.32
C LEU B 180 61.26 -47.25 -27.62
N GLU B 181 61.00 -46.11 -28.26
CA GLU B 181 59.65 -45.76 -28.67
C GLU B 181 59.46 -46.14 -30.14
N GLN B 182 58.22 -46.07 -30.61
CA GLN B 182 57.90 -46.48 -31.97
C GLN B 182 58.53 -45.51 -32.96
N GLY B 183 59.26 -46.06 -33.93
CA GLY B 183 59.88 -45.27 -34.98
C GLY B 183 61.24 -44.69 -34.64
N ASP B 184 61.81 -45.04 -33.49
CA ASP B 184 63.12 -44.52 -33.12
C ASP B 184 64.20 -45.08 -34.03
N GLU B 185 65.07 -44.20 -34.50
CA GLU B 185 66.22 -44.60 -35.30
C GLU B 185 67.42 -44.85 -34.38
N VAL B 186 67.84 -46.10 -34.29
CA VAL B 186 68.97 -46.49 -33.47
C VAL B 186 70.01 -47.13 -34.37
N VAL B 187 71.18 -46.50 -34.45
CA VAL B 187 72.30 -47.01 -35.24
C VAL B 187 73.32 -47.58 -34.26
N LEU B 188 73.52 -48.89 -34.32
CA LEU B 188 74.43 -49.57 -33.41
C LEU B 188 75.79 -49.74 -34.07
N MET B 189 76.83 -49.26 -33.39
CA MET B 189 78.20 -49.45 -33.86
C MET B 189 78.72 -50.77 -33.30
N LEU B 190 79.04 -51.68 -34.22
CA LEU B 190 79.52 -53.02 -33.79
C LEU B 190 81.05 -53.05 -33.92
N SER B 191 81.72 -53.69 -32.96
CA SER B 191 83.20 -53.83 -33.03
C SER B 191 83.56 -55.31 -33.22
#